data_7XR6
#
_entry.id   7XR6
#
_cell.length_a   1.00
_cell.length_b   1.00
_cell.length_c   1.00
_cell.angle_alpha   90.00
_cell.angle_beta   90.00
_cell.angle_gamma   90.00
#
_symmetry.space_group_name_H-M   'P 1'
#
loop_
_entity.id
_entity.type
_entity.pdbx_description
1 polymer 'Excitatory amino acid transporter 2'
2 non-polymer '(2S)-2-azanyl-4-[[4-[2-bromanyl-4,5-bis(fluoranyl)phenoxy]phenyl]amino]-4-oxidanylidene-butanoic acid'
3 non-polymer 'CHOLESTEROL HEMISUCCINATE'
4 non-polymer 1,2-DIACYL-SN-GLYCERO-3-PHOSPHOCHOLINE
5 non-polymer 'dodecyl beta-D-glucopyranoside'
#
_entity_poly.entity_id   1
_entity_poly.type   'polypeptide(L)'
_entity_poly.pdbx_seq_one_letter_code
;MASTEGANNMPKQVEVRMHDSHLGSEEPKHRHLGLRLCDKLGKNLLLTLTVFGVILGAVCGGLLRLASPIHPDVVMLIAF
PGDILMRMLKMLILPLIISSLITGLSGLDAKASGRLGTRAMVYYMSTTIIAAVLGVILVLAIHPGNPKLKKQLGPGKKND
EVSSLDAFLDLIRNLFPENLVQACFQQIQTVTKKVLVAPPPDEEANATSAVVSLLNETVTEVPEETKMVIKKGLEFKDGM
NVLGLIGFFIAFGIAMGKMGDQAKLMVDFFNILNEIVMKLVIMIMWYSPLGIACLICGKIIAIKDLEVVARQLGMYMVTV
IIGLIIHGGIFLPLIYFVVTRKNPFSFFAGIFQAWITALGTASSAGTLPVTFRCLEENLGIDKRVTRFVLPVGATINMDG
TALYEAVAAIFIAQMNGVVLDGGQIVTVSLTATLASVGAASIPSAGLVTMLLILTAVGLPTEDISLLVAVDWLLDRMRTS
VNVVGDSFGAGIVYHLSKSELDTIDSQHRVHEDIEMTKTQSIYDDMKNHRESNSNQCVYAAHNSVIVDECKVTLAANGKS
ADCSVEEEPWKREK
;
_entity_poly.pdbx_strand_id   A,B,C
#
# COMPACT_ATOMS: atom_id res chain seq x y z
N ARG A 36 8.61 21.93 -46.30
CA ARG A 36 9.76 21.04 -46.07
C ARG A 36 10.11 20.99 -44.59
N LEU A 37 9.70 22.02 -43.85
CA LEU A 37 10.01 22.10 -42.43
C LEU A 37 9.13 21.15 -41.62
N CYS A 38 7.87 20.98 -42.03
CA CYS A 38 6.97 20.09 -41.31
C CYS A 38 7.39 18.63 -41.47
N ASP A 39 8.03 18.28 -42.58
CA ASP A 39 8.53 16.92 -42.76
C ASP A 39 9.64 16.58 -41.78
N LYS A 40 10.30 17.58 -41.20
CA LYS A 40 11.33 17.38 -40.20
C LYS A 40 10.80 17.55 -38.78
N LEU A 41 10.14 18.67 -38.50
CA LEU A 41 9.67 18.92 -37.14
C LEU A 41 8.47 18.04 -36.80
N GLY A 42 7.56 17.82 -37.75
CA GLY A 42 6.32 17.12 -37.44
C GLY A 42 6.54 15.67 -37.04
N LYS A 43 7.51 15.00 -37.67
CA LYS A 43 7.71 13.58 -37.41
C LYS A 43 8.16 13.33 -35.97
N ASN A 44 9.02 14.20 -35.44
CA ASN A 44 9.56 14.08 -34.09
C ASN A 44 8.91 15.08 -33.14
N LEU A 45 7.58 15.21 -33.23
CA LEU A 45 6.87 16.32 -32.60
C LEU A 45 7.23 16.49 -31.13
N LEU A 46 7.38 15.39 -30.39
CA LEU A 46 7.77 15.51 -28.99
C LEU A 46 9.18 16.06 -28.85
N LEU A 47 10.12 15.57 -29.68
CA LEU A 47 11.49 16.06 -29.60
C LEU A 47 11.59 17.52 -29.98
N THR A 48 10.91 17.92 -31.06
CA THR A 48 10.96 19.32 -31.46
C THR A 48 10.25 20.21 -30.43
N LEU A 49 9.18 19.70 -29.81
CA LEU A 49 8.52 20.47 -28.76
C LEU A 49 9.46 20.67 -27.58
N THR A 50 10.19 19.63 -27.18
CA THR A 50 11.12 19.77 -26.07
C THR A 50 12.26 20.72 -26.41
N VAL A 51 12.78 20.65 -27.63
CA VAL A 51 13.86 21.55 -28.03
C VAL A 51 13.37 22.99 -28.05
N PHE A 52 12.19 23.24 -28.63
CA PHE A 52 11.66 24.60 -28.65
C PHE A 52 11.39 25.10 -27.24
N GLY A 53 10.89 24.24 -26.36
CA GLY A 53 10.68 24.63 -24.98
C GLY A 53 11.97 25.00 -24.29
N VAL A 54 13.03 24.21 -24.51
CA VAL A 54 14.32 24.50 -23.88
C VAL A 54 14.86 25.83 -24.37
N ILE A 55 14.79 26.07 -25.69
CA ILE A 55 15.29 27.32 -26.25
C ILE A 55 14.51 28.51 -25.70
N LEU A 56 13.17 28.38 -25.67
CA LEU A 56 12.34 29.47 -25.16
C LEU A 56 12.62 29.74 -23.69
N GLY A 57 12.74 28.68 -22.89
CA GLY A 57 13.04 28.88 -21.49
C GLY A 57 14.40 29.51 -21.27
N ALA A 58 15.40 29.09 -22.04
CA ALA A 58 16.74 29.67 -21.89
C ALA A 58 16.75 31.15 -22.27
N VAL A 59 16.08 31.51 -23.37
CA VAL A 59 16.11 32.91 -23.79
C VAL A 59 15.31 33.77 -22.82
N CYS A 60 14.18 33.25 -22.31
CA CYS A 60 13.41 34.00 -21.33
C CYS A 60 14.20 34.16 -20.03
N GLY A 61 14.92 33.11 -19.62
CA GLY A 61 15.76 33.22 -18.44
C GLY A 61 16.87 34.24 -18.62
N GLY A 62 17.48 34.27 -19.80
CA GLY A 62 18.49 35.29 -20.07
C GLY A 62 17.91 36.70 -20.03
N LEU A 63 16.74 36.88 -20.63
CA LEU A 63 16.11 38.20 -20.62
C LEU A 63 15.78 38.65 -19.20
N LEU A 64 15.24 37.74 -18.38
CA LEU A 64 14.96 38.10 -16.99
C LEU A 64 16.23 38.28 -16.18
N ARG A 65 17.32 37.60 -16.57
CA ARG A 65 18.61 37.85 -15.95
C ARG A 65 19.10 39.26 -16.26
N LEU A 66 18.84 39.74 -17.48
CA LEU A 66 19.17 41.12 -17.82
C LEU A 66 18.40 42.12 -16.98
N ALA A 67 17.31 41.70 -16.34
CA ALA A 67 16.54 42.56 -15.46
C ALA A 67 17.14 42.56 -14.05
N SER A 68 16.50 43.30 -13.16
CA SER A 68 16.97 43.40 -11.79
C SER A 68 16.80 42.08 -11.06
N PRO A 69 17.52 41.88 -9.95
CA PRO A 69 17.30 40.68 -9.12
C PRO A 69 15.83 40.50 -8.75
N ILE A 70 15.25 39.39 -9.19
CA ILE A 70 13.81 39.21 -9.10
C ILE A 70 13.42 38.71 -7.72
N HIS A 71 12.20 39.04 -7.30
CA HIS A 71 11.66 38.53 -6.05
C HIS A 71 11.68 37.01 -6.07
N PRO A 72 12.23 36.35 -5.05
CA PRO A 72 12.30 34.89 -5.06
C PRO A 72 10.94 34.20 -5.16
N ASP A 73 9.86 34.88 -4.75
CA ASP A 73 8.53 34.32 -4.96
C ASP A 73 8.16 34.33 -6.43
N VAL A 74 8.61 35.34 -7.19
CA VAL A 74 8.37 35.34 -8.62
C VAL A 74 9.16 34.22 -9.29
N VAL A 75 10.36 33.94 -8.79
CA VAL A 75 11.13 32.81 -9.32
C VAL A 75 10.44 31.50 -8.98
N MET A 76 9.88 31.39 -7.76
CA MET A 76 9.15 30.19 -7.39
C MET A 76 7.94 29.98 -8.29
N LEU A 77 7.22 31.06 -8.60
CA LEU A 77 6.11 30.96 -9.55
C LEU A 77 6.57 30.59 -10.94
N ILE A 78 7.70 31.13 -11.40
CA ILE A 78 8.19 30.83 -12.75
C ILE A 78 8.59 29.36 -12.85
N ALA A 79 9.31 28.86 -11.85
CA ALA A 79 9.79 27.49 -11.85
C ALA A 79 8.77 26.50 -11.31
N PHE A 80 7.49 26.84 -11.32
CA PHE A 80 6.47 25.99 -10.74
C PHE A 80 6.06 24.84 -11.67
N PRO A 81 5.81 25.07 -12.96
CA PRO A 81 5.48 23.93 -13.83
C PRO A 81 6.58 22.88 -13.86
N GLY A 82 7.83 23.28 -13.73
CA GLY A 82 8.90 22.29 -13.59
C GLY A 82 8.76 21.48 -12.31
N ASP A 83 8.38 22.14 -11.22
CA ASP A 83 8.10 21.42 -9.98
C ASP A 83 6.97 20.43 -10.17
N ILE A 84 5.93 20.82 -10.91
CA ILE A 84 4.81 19.93 -11.16
C ILE A 84 5.25 18.71 -11.97
N LEU A 85 6.09 18.93 -12.98
CA LEU A 85 6.59 17.81 -13.77
C LEU A 85 7.42 16.86 -12.90
N MET A 86 8.30 17.43 -12.06
CA MET A 86 9.12 16.58 -11.20
C MET A 86 8.26 15.78 -10.24
N ARG A 87 7.21 16.39 -9.69
CA ARG A 87 6.34 15.68 -8.77
C ARG A 87 5.54 14.60 -9.47
N MET A 88 5.09 14.86 -10.71
CA MET A 88 4.42 13.83 -11.50
C MET A 88 5.33 12.62 -11.67
N LEU A 89 6.54 12.85 -12.16
CA LEU A 89 7.44 11.74 -12.43
C LEU A 89 7.84 11.01 -11.17
N LYS A 90 8.09 11.74 -10.08
CA LYS A 90 8.44 11.09 -8.82
C LYS A 90 7.24 10.36 -8.22
N MET A 91 6.02 10.74 -8.57
CA MET A 91 4.86 9.95 -8.20
C MET A 91 4.82 8.64 -8.96
N LEU A 92 5.23 8.68 -10.24
CA LEU A 92 5.20 7.46 -11.04
C LEU A 92 6.43 6.56 -10.86
N ILE A 93 7.48 7.03 -10.18
CA ILE A 93 8.64 6.15 -10.00
C ILE A 93 8.34 4.98 -9.08
N LEU A 94 7.29 5.05 -8.26
CA LEU A 94 7.02 3.92 -7.37
C LEU A 94 6.33 2.78 -8.11
N PRO A 95 5.20 2.98 -8.77
CA PRO A 95 4.55 1.84 -9.46
C PRO A 95 5.43 1.25 -10.54
N LEU A 96 6.31 2.04 -11.16
CA LEU A 96 7.23 1.47 -12.15
C LEU A 96 8.14 0.43 -11.52
N ILE A 97 8.76 0.73 -10.39
CA ILE A 97 9.63 -0.29 -9.80
C ILE A 97 8.83 -1.39 -9.13
N ILE A 98 7.56 -1.14 -8.78
CA ILE A 98 6.74 -2.22 -8.24
C ILE A 98 6.39 -3.22 -9.33
N SER A 99 6.05 -2.73 -10.52
CA SER A 99 5.45 -3.56 -11.55
C SER A 99 6.42 -4.02 -12.63
N SER A 100 7.33 -3.15 -13.07
CA SER A 100 8.25 -3.52 -14.15
C SER A 100 9.20 -4.61 -13.72
N LEU A 101 9.66 -4.58 -12.46
CA LEU A 101 10.53 -5.64 -11.97
C LEU A 101 9.82 -6.99 -12.02
N ILE A 102 8.58 -7.03 -11.55
CA ILE A 102 7.81 -8.28 -11.58
C ILE A 102 7.59 -8.74 -13.01
N THR A 103 7.18 -7.81 -13.89
CA THR A 103 6.89 -8.17 -15.27
C THR A 103 8.14 -8.68 -15.98
N GLY A 104 9.29 -8.05 -15.75
CA GLY A 104 10.50 -8.46 -16.43
C GLY A 104 11.06 -9.76 -15.89
N LEU A 105 11.24 -9.84 -14.57
CA LEU A 105 11.82 -11.04 -13.98
C LEU A 105 10.94 -12.26 -14.20
N SER A 106 9.62 -12.11 -14.03
CA SER A 106 8.73 -13.25 -14.20
C SER A 106 8.43 -13.50 -15.67
N GLY A 107 7.83 -12.53 -16.34
CA GLY A 107 7.38 -12.70 -17.71
C GLY A 107 8.50 -12.84 -18.74
N LEU A 108 9.33 -11.81 -18.85
CA LEU A 108 10.31 -11.76 -19.93
C LEU A 108 11.33 -12.90 -19.81
N ASP A 109 11.79 -13.18 -18.59
CA ASP A 109 12.83 -14.20 -18.40
C ASP A 109 12.24 -15.57 -18.69
N ALA A 110 12.55 -16.11 -19.85
CA ALA A 110 12.15 -17.45 -20.25
C ALA A 110 13.42 -18.24 -20.56
N LYS A 111 13.58 -19.39 -19.91
CA LYS A 111 14.78 -20.19 -20.08
C LYS A 111 14.69 -21.17 -21.25
N ALA A 112 13.68 -21.01 -22.12
CA ALA A 112 13.62 -21.82 -23.33
C ALA A 112 14.82 -21.58 -24.24
N SER A 113 15.50 -20.45 -24.08
CA SER A 113 16.73 -20.18 -24.83
C SER A 113 17.89 -21.06 -24.37
N GLY A 114 17.75 -21.75 -23.24
CA GLY A 114 18.80 -22.63 -22.79
C GLY A 114 20.00 -21.88 -22.24
N ARG A 115 21.12 -22.61 -22.16
CA ARG A 115 22.34 -22.04 -21.61
C ARG A 115 22.79 -20.81 -22.38
N LEU A 116 22.60 -20.81 -23.71
CA LEU A 116 22.97 -19.66 -24.52
C LEU A 116 22.29 -18.39 -24.03
N GLY A 117 21.10 -18.52 -23.44
CA GLY A 117 20.47 -17.36 -22.83
C GLY A 117 21.25 -16.85 -21.65
N THR A 118 21.59 -17.75 -20.72
CA THR A 118 22.29 -17.33 -19.51
C THR A 118 23.64 -16.72 -19.84
N ARG A 119 24.38 -17.33 -20.77
CA ARG A 119 25.66 -16.77 -21.18
C ARG A 119 25.52 -15.34 -21.66
N ALA A 120 24.36 -14.98 -22.20
CA ALA A 120 24.13 -13.59 -22.55
C ALA A 120 23.78 -12.76 -21.32
N MET A 121 22.84 -13.25 -20.50
CA MET A 121 22.33 -12.44 -19.40
C MET A 121 23.42 -12.12 -18.40
N VAL A 122 24.19 -13.13 -17.98
CA VAL A 122 25.28 -12.90 -17.04
C VAL A 122 26.30 -11.94 -17.63
N TYR A 123 26.39 -11.87 -18.96
CA TYR A 123 27.24 -10.86 -19.57
C TYR A 123 26.68 -9.46 -19.31
N TYR A 124 25.39 -9.26 -19.60
CA TYR A 124 24.80 -7.92 -19.53
C TYR A 124 24.97 -7.34 -18.14
N MET A 125 24.37 -8.00 -17.14
CA MET A 125 24.44 -7.54 -15.76
C MET A 125 25.87 -7.48 -15.23
N SER A 126 26.86 -7.96 -15.98
CA SER A 126 28.24 -7.81 -15.58
C SER A 126 28.95 -6.69 -16.34
N THR A 127 28.55 -6.45 -17.60
CA THR A 127 29.13 -5.33 -18.33
C THR A 127 28.57 -4.02 -17.81
N THR A 128 27.26 -3.95 -17.63
CA THR A 128 26.61 -2.71 -17.20
C THR A 128 27.20 -2.20 -15.89
N ILE A 129 27.42 -3.10 -14.94
CA ILE A 129 28.02 -2.70 -13.67
C ILE A 129 29.40 -2.12 -13.89
N ILE A 130 30.20 -2.75 -14.76
CA ILE A 130 31.50 -2.19 -15.12
C ILE A 130 31.32 -0.81 -15.73
N ALA A 131 30.27 -0.64 -16.54
CA ALA A 131 29.97 0.68 -17.09
C ALA A 131 29.54 1.65 -16.00
N ALA A 132 28.82 1.16 -14.99
CA ALA A 132 28.33 2.05 -13.95
C ALA A 132 29.44 2.45 -13.00
N VAL A 133 30.10 1.46 -12.39
CA VAL A 133 31.13 1.74 -11.40
C VAL A 133 32.20 2.63 -11.99
N LEU A 134 32.64 2.34 -13.21
CA LEU A 134 33.65 3.16 -13.86
C LEU A 134 33.26 4.63 -13.85
N GLY A 135 32.01 4.93 -14.21
CA GLY A 135 31.57 6.31 -14.18
C GLY A 135 31.72 6.91 -12.80
N VAL A 136 31.27 6.17 -11.77
CA VAL A 136 31.39 6.65 -10.41
C VAL A 136 32.85 6.85 -10.03
N ILE A 137 33.75 6.07 -10.62
CA ILE A 137 35.17 6.26 -10.34
C ILE A 137 35.67 7.56 -10.96
N LEU A 138 35.23 7.86 -12.19
CA LEU A 138 35.74 9.06 -12.86
C LEU A 138 35.14 10.32 -12.25
N VAL A 139 33.83 10.33 -12.02
CA VAL A 139 33.19 11.55 -11.54
C VAL A 139 33.68 11.91 -10.14
N LEU A 140 33.97 10.91 -9.30
CA LEU A 140 34.58 11.20 -8.00
C LEU A 140 36.06 11.55 -8.12
N ALA A 141 36.70 11.17 -9.22
CA ALA A 141 38.09 11.56 -9.45
C ALA A 141 38.19 12.95 -10.08
N ILE A 142 37.30 13.26 -11.01
CA ILE A 142 37.36 14.54 -11.70
C ILE A 142 36.57 15.62 -10.96
N HIS A 143 35.50 15.24 -10.25
CA HIS A 143 34.59 16.13 -9.52
C HIS A 143 34.23 17.35 -10.36
N PRO A 144 33.44 17.17 -11.42
CA PRO A 144 33.17 18.30 -12.32
C PRO A 144 32.54 19.50 -11.63
N GLY A 145 31.62 19.27 -10.70
CA GLY A 145 30.90 20.34 -10.05
C GLY A 145 31.35 20.70 -8.66
N ASN A 146 32.31 19.97 -8.09
CA ASN A 146 32.71 20.20 -6.70
C ASN A 146 33.23 21.61 -6.46
N PRO A 147 34.12 22.17 -7.29
CA PRO A 147 34.58 23.54 -7.01
C PRO A 147 33.45 24.57 -6.93
N LYS A 148 32.44 24.43 -7.78
CA LYS A 148 31.23 25.28 -7.80
C LYS A 148 31.46 26.73 -7.38
N VAL A 162 29.37 10.64 9.99
CA VAL A 162 29.16 9.20 10.03
C VAL A 162 30.29 8.47 9.32
N SER A 163 30.87 7.48 10.00
CA SER A 163 31.98 6.73 9.44
C SER A 163 31.53 5.93 8.23
N SER A 164 32.50 5.35 7.52
CA SER A 164 32.18 4.53 6.35
C SER A 164 31.65 3.16 6.75
N LEU A 165 32.10 2.62 7.89
CA LEU A 165 31.57 1.34 8.36
C LEU A 165 30.08 1.46 8.68
N ASP A 166 29.69 2.50 9.39
CA ASP A 166 28.27 2.72 9.66
C ASP A 166 27.51 3.01 8.38
N ALA A 167 28.14 3.66 7.40
CA ALA A 167 27.48 3.92 6.13
C ALA A 167 27.18 2.63 5.39
N PHE A 168 28.12 1.69 5.37
CA PHE A 168 27.88 0.43 4.68
C PHE A 168 26.89 -0.44 5.47
N LEU A 169 26.94 -0.39 6.80
CA LEU A 169 25.94 -1.11 7.58
C LEU A 169 24.55 -0.54 7.34
N ASP A 170 24.45 0.78 7.19
CA ASP A 170 23.17 1.40 6.85
C ASP A 170 22.71 0.99 5.46
N LEU A 171 23.65 0.86 4.53
CA LEU A 171 23.32 0.34 3.21
C LEU A 171 22.68 -1.04 3.32
N ILE A 172 23.32 -1.94 4.06
CA ILE A 172 22.81 -3.30 4.18
C ILE A 172 21.48 -3.31 4.91
N ARG A 173 21.32 -2.44 5.91
CA ARG A 173 20.05 -2.36 6.63
C ARG A 173 18.92 -1.87 5.73
N ASN A 174 19.18 -0.84 4.92
CA ASN A 174 18.18 -0.34 3.99
C ASN A 174 17.93 -1.29 2.83
N LEU A 175 18.83 -2.24 2.60
CA LEU A 175 18.61 -3.24 1.56
C LEU A 175 17.67 -4.36 2.03
N PHE A 176 17.43 -4.47 3.34
CA PHE A 176 16.47 -5.43 3.90
C PHE A 176 15.52 -4.63 4.78
N PRO A 177 14.51 -4.00 4.18
CA PRO A 177 13.62 -3.12 4.97
C PRO A 177 12.71 -3.94 5.88
N GLU A 178 12.81 -3.69 7.18
CA GLU A 178 12.03 -4.45 8.15
C GLU A 178 10.54 -4.19 8.02
N ASN A 179 10.15 -3.11 7.34
CA ASN A 179 8.75 -2.84 7.03
C ASN A 179 8.64 -2.50 5.57
N LEU A 180 7.52 -2.87 4.96
CA LEU A 180 7.35 -2.72 3.51
C LEU A 180 6.51 -1.52 3.12
N VAL A 181 5.69 -1.00 4.02
CA VAL A 181 5.00 0.25 3.75
C VAL A 181 5.82 1.44 4.23
N GLN A 182 6.64 1.25 5.26
CA GLN A 182 7.59 2.27 5.68
C GLN A 182 8.81 2.34 4.77
N ALA A 183 9.03 1.34 3.93
CA ALA A 183 10.11 1.39 2.96
C ALA A 183 9.73 2.15 1.70
N CYS A 184 8.47 2.58 1.58
CA CYS A 184 8.07 3.37 0.43
C CYS A 184 8.40 4.84 0.58
N PHE A 185 8.68 5.31 1.81
CA PHE A 185 9.04 6.70 1.99
C PHE A 185 10.10 6.96 3.06
N GLN A 186 10.68 5.93 3.69
CA GLN A 186 11.57 6.17 4.81
C GLN A 186 12.73 5.17 4.81
N GLN A 187 13.93 5.69 5.01
CA GLN A 187 15.14 4.90 5.17
C GLN A 187 15.62 4.99 6.61
N ILE A 188 16.45 4.03 7.01
CA ILE A 188 17.05 4.00 8.33
C ILE A 188 18.46 4.55 8.24
N GLN A 189 18.78 5.46 9.15
CA GLN A 189 20.08 6.10 9.22
C GLN A 189 20.68 5.89 10.60
N THR A 190 21.96 5.53 10.63
CA THR A 190 22.68 5.37 11.89
C THR A 190 23.11 6.74 12.40
N VAL A 191 22.80 7.02 13.67
CA VAL A 191 23.20 8.26 14.31
C VAL A 191 23.99 7.92 15.57
N THR A 192 25.16 8.55 15.72
CA THR A 192 26.03 8.26 16.84
C THR A 192 25.55 8.90 18.14
N LYS A 193 24.56 9.78 18.08
CA LYS A 193 24.05 10.45 19.27
C LYS A 193 23.46 9.45 20.26
N VAL A 229 27.11 10.71 23.60
CA VAL A 229 27.13 10.73 22.14
C VAL A 229 28.01 9.60 21.61
N ILE A 230 27.96 8.45 22.29
CA ILE A 230 28.76 7.30 21.89
C ILE A 230 27.84 6.12 21.62
N LYS A 231 26.64 6.14 22.21
CA LYS A 231 25.67 5.06 22.04
C LYS A 231 25.01 5.22 20.68
N LYS A 232 25.42 4.39 19.72
CA LYS A 232 24.86 4.46 18.37
C LYS A 232 23.42 3.97 18.36
N GLY A 233 22.59 4.64 17.55
CA GLY A 233 21.22 4.22 17.38
C GLY A 233 20.82 4.32 15.91
N LEU A 234 19.61 3.85 15.63
CA LEU A 234 19.05 3.86 14.28
C LEU A 234 17.77 4.69 14.31
N GLU A 235 17.74 5.75 13.50
CA GLU A 235 16.53 6.56 13.40
C GLU A 235 16.05 6.60 11.96
N PHE A 236 14.75 6.80 11.79
CA PHE A 236 14.12 6.72 10.48
C PHE A 236 14.27 8.07 9.78
N LYS A 237 15.07 8.08 8.71
CA LYS A 237 15.22 9.25 7.88
C LYS A 237 13.96 9.46 7.04
N ASP A 238 14.01 10.45 6.16
CA ASP A 238 12.94 10.68 5.21
C ASP A 238 13.50 10.57 3.80
N GLY A 239 12.77 9.89 2.93
CA GLY A 239 13.21 9.63 1.58
C GLY A 239 12.89 8.20 1.21
N MET A 240 12.56 7.99 -0.06
CA MET A 240 12.16 6.67 -0.51
C MET A 240 13.31 5.68 -0.38
N ASN A 241 12.98 4.44 -0.01
CA ASN A 241 13.96 3.37 0.13
C ASN A 241 13.94 2.55 -1.15
N VAL A 242 14.59 3.08 -2.19
CA VAL A 242 14.54 2.45 -3.51
C VAL A 242 15.21 1.07 -3.47
N LEU A 243 16.35 0.97 -2.79
CA LEU A 243 17.09 -0.29 -2.79
C LEU A 243 16.32 -1.41 -2.11
N GLY A 244 15.67 -1.12 -0.98
CA GLY A 244 14.92 -2.17 -0.31
C GLY A 244 13.75 -2.66 -1.12
N LEU A 245 13.00 -1.73 -1.72
CA LEU A 245 11.88 -2.12 -2.58
C LEU A 245 12.35 -2.91 -3.78
N ILE A 246 13.44 -2.48 -4.40
CA ILE A 246 13.97 -3.20 -5.56
C ILE A 246 14.38 -4.60 -5.17
N GLY A 247 15.06 -4.75 -4.03
CA GLY A 247 15.45 -6.09 -3.60
C GLY A 247 14.26 -6.99 -3.31
N PHE A 248 13.28 -6.46 -2.57
CA PHE A 248 12.12 -7.27 -2.24
C PHE A 248 11.36 -7.68 -3.49
N PHE A 249 11.20 -6.77 -4.45
CA PHE A 249 10.40 -7.12 -5.61
C PHE A 249 11.20 -7.90 -6.65
N ILE A 250 12.53 -7.85 -6.62
CA ILE A 250 13.32 -8.82 -7.36
C ILE A 250 13.07 -10.21 -6.81
N ALA A 251 13.08 -10.36 -5.47
CA ALA A 251 12.76 -11.64 -4.87
C ALA A 251 11.34 -12.08 -5.23
N PHE A 252 10.40 -11.14 -5.19
CA PHE A 252 9.00 -11.45 -5.49
C PHE A 252 8.83 -11.91 -6.93
N GLY A 253 9.45 -11.22 -7.87
CA GLY A 253 9.37 -11.62 -9.26
C GLY A 253 10.07 -12.94 -9.54
N ILE A 254 11.19 -13.20 -8.85
CA ILE A 254 11.87 -14.48 -9.01
C ILE A 254 10.99 -15.62 -8.52
N ALA A 255 10.36 -15.43 -7.35
CA ALA A 255 9.44 -16.45 -6.85
C ALA A 255 8.25 -16.64 -7.79
N MET A 256 7.72 -15.55 -8.32
CA MET A 256 6.63 -15.64 -9.28
C MET A 256 7.03 -16.46 -10.50
N GLY A 257 8.21 -16.17 -11.05
CA GLY A 257 8.66 -16.91 -12.21
C GLY A 257 8.91 -18.38 -11.91
N LYS A 258 9.46 -18.67 -10.74
CA LYS A 258 9.73 -20.05 -10.38
C LYS A 258 8.46 -20.83 -10.07
N MET A 259 7.39 -20.17 -9.65
CA MET A 259 6.18 -20.92 -9.31
C MET A 259 5.38 -21.32 -10.56
N GLY A 260 5.74 -20.79 -11.71
CA GLY A 260 5.33 -21.39 -12.98
C GLY A 260 4.07 -20.78 -13.54
N ASP A 261 3.16 -21.65 -14.00
CA ASP A 261 1.93 -21.21 -14.65
C ASP A 261 0.80 -20.98 -13.67
N GLN A 262 0.92 -21.45 -12.43
CA GLN A 262 -0.10 -21.18 -11.41
C GLN A 262 -0.12 -19.71 -11.00
N ALA A 263 0.87 -18.93 -11.42
CA ALA A 263 0.93 -17.50 -11.14
C ALA A 263 0.46 -16.65 -12.31
N LYS A 264 -0.21 -17.26 -13.29
CA LYS A 264 -0.60 -16.50 -14.48
C LYS A 264 -1.63 -15.43 -14.14
N LEU A 265 -2.58 -15.75 -13.25
CA LEU A 265 -3.65 -14.82 -12.94
C LEU A 265 -3.12 -13.56 -12.25
N MET A 266 -1.90 -13.60 -11.72
CA MET A 266 -1.29 -12.44 -11.10
C MET A 266 -0.19 -11.82 -11.95
N VAL A 267 0.49 -12.62 -12.77
CA VAL A 267 1.40 -12.08 -13.76
C VAL A 267 0.64 -11.20 -14.75
N ASP A 268 -0.54 -11.65 -15.18
CA ASP A 268 -1.35 -10.82 -16.06
C ASP A 268 -1.82 -9.55 -15.35
N PHE A 269 -2.16 -9.66 -14.07
CA PHE A 269 -2.54 -8.48 -13.30
C PHE A 269 -1.42 -7.45 -13.28
N PHE A 270 -0.20 -7.89 -13.00
CA PHE A 270 0.90 -6.94 -12.92
C PHE A 270 1.34 -6.46 -14.30
N ASN A 271 1.19 -7.29 -15.34
CA ASN A 271 1.44 -6.82 -16.69
C ASN A 271 0.46 -5.72 -17.09
N ILE A 272 -0.82 -5.89 -16.75
CA ILE A 272 -1.80 -4.86 -17.03
C ILE A 272 -1.46 -3.58 -16.28
N LEU A 273 -1.09 -3.71 -15.01
CA LEU A 273 -0.70 -2.53 -14.24
C LEU A 273 0.51 -1.84 -14.85
N ASN A 274 1.47 -2.63 -15.33
CA ASN A 274 2.66 -2.06 -15.98
C ASN A 274 2.29 -1.29 -17.23
N GLU A 275 1.40 -1.85 -18.05
CA GLU A 275 0.99 -1.13 -19.26
C GLU A 275 0.25 0.14 -18.92
N ILE A 276 -0.58 0.12 -17.86
CA ILE A 276 -1.26 1.32 -17.42
C ILE A 276 -0.25 2.39 -17.02
N VAL A 277 0.76 2.00 -16.25
CA VAL A 277 1.73 2.96 -15.76
C VAL A 277 2.58 3.50 -16.90
N MET A 278 2.90 2.66 -17.88
CA MET A 278 3.62 3.13 -19.07
C MET A 278 2.78 4.14 -19.84
N LYS A 279 1.47 3.89 -19.97
CA LYS A 279 0.61 4.87 -20.62
C LYS A 279 0.60 6.18 -19.84
N LEU A 280 0.58 6.10 -18.51
CA LEU A 280 0.63 7.32 -17.69
C LEU A 280 1.95 8.07 -17.88
N VAL A 281 3.07 7.34 -17.97
CA VAL A 281 4.36 7.97 -18.19
C VAL A 281 4.39 8.68 -19.53
N ILE A 282 3.89 8.04 -20.58
CA ILE A 282 3.84 8.68 -21.89
C ILE A 282 2.94 9.91 -21.84
N MET A 283 1.78 9.79 -21.18
CA MET A 283 0.84 10.90 -21.10
C MET A 283 1.45 12.09 -20.36
N ILE A 284 2.19 11.82 -19.28
CA ILE A 284 2.83 12.90 -18.53
C ILE A 284 3.96 13.52 -19.34
N MET A 285 4.74 12.70 -20.04
CA MET A 285 5.89 13.20 -20.78
C MET A 285 5.50 14.07 -21.96
N TRP A 286 4.22 14.10 -22.34
CA TRP A 286 3.78 15.09 -23.31
C TRP A 286 3.72 16.49 -22.71
N TYR A 287 3.56 16.58 -21.38
CA TYR A 287 3.67 17.84 -20.66
C TYR A 287 5.11 18.22 -20.36
N SER A 288 6.05 17.33 -20.64
CA SER A 288 7.46 17.60 -20.34
C SER A 288 8.01 18.86 -21.00
N PRO A 289 7.65 19.23 -22.23
CA PRO A 289 8.23 20.48 -22.80
C PRO A 289 8.06 21.70 -21.91
N LEU A 290 6.85 21.98 -21.45
CA LEU A 290 6.62 23.20 -20.67
C LEU A 290 7.31 23.11 -19.32
N GLY A 291 7.28 21.95 -18.68
CA GLY A 291 7.96 21.79 -17.40
C GLY A 291 9.46 21.98 -17.53
N ILE A 292 10.05 21.43 -18.59
CA ILE A 292 11.49 21.59 -18.80
C ILE A 292 11.83 23.04 -19.11
N ALA A 293 10.99 23.70 -19.90
CA ALA A 293 11.21 25.12 -20.18
C ALA A 293 11.19 25.94 -18.91
N CYS A 294 10.22 25.68 -18.02
CA CYS A 294 10.14 26.44 -16.79
C CYS A 294 11.29 26.11 -15.84
N LEU A 295 11.72 24.85 -15.81
CA LEU A 295 12.89 24.50 -15.02
C LEU A 295 14.13 25.24 -15.50
N ILE A 296 14.33 25.27 -16.83
CA ILE A 296 15.48 25.94 -17.39
C ILE A 296 15.45 27.43 -17.06
N CYS A 297 14.28 28.06 -17.21
CA CYS A 297 14.16 29.47 -16.91
C CYS A 297 14.43 29.75 -15.43
N GLY A 298 13.87 28.92 -14.54
CA GLY A 298 14.08 29.11 -13.12
C GLY A 298 15.53 28.91 -12.72
N LYS A 299 16.25 28.01 -13.39
CA LYS A 299 17.66 27.84 -13.08
C LYS A 299 18.50 28.99 -13.61
N ILE A 300 18.22 29.45 -14.84
CA ILE A 300 18.98 30.55 -15.40
C ILE A 300 18.80 31.82 -14.58
N ILE A 301 17.58 32.05 -14.08
CA ILE A 301 17.34 33.26 -13.28
C ILE A 301 18.12 33.20 -11.97
N ALA A 302 18.23 32.02 -11.37
CA ALA A 302 18.62 31.89 -9.97
C ALA A 302 19.97 31.19 -9.78
N ILE A 303 20.97 31.57 -10.57
CA ILE A 303 22.34 31.16 -10.34
C ILE A 303 23.22 32.40 -10.29
N LYS A 304 24.37 32.25 -9.62
CA LYS A 304 25.22 33.41 -9.33
C LYS A 304 25.85 33.95 -10.60
N ASP A 305 26.65 33.12 -11.28
CA ASP A 305 27.32 33.53 -12.51
C ASP A 305 27.43 32.34 -13.45
N LEU A 306 27.25 32.60 -14.75
CA LEU A 306 27.40 31.55 -15.74
C LEU A 306 28.84 31.12 -15.93
N GLU A 307 29.80 31.94 -15.46
CA GLU A 307 31.20 31.64 -15.69
C GLU A 307 31.63 30.35 -14.99
N VAL A 308 30.88 29.91 -13.99
CA VAL A 308 31.22 28.68 -13.28
C VAL A 308 30.27 27.56 -13.68
N VAL A 309 29.01 27.91 -13.98
CA VAL A 309 28.05 26.89 -14.36
C VAL A 309 28.39 26.32 -15.73
N ALA A 310 28.81 27.17 -16.66
CA ALA A 310 29.21 26.69 -17.98
C ALA A 310 30.43 25.77 -17.87
N ARG A 311 31.39 26.13 -17.02
CA ARG A 311 32.55 25.27 -16.83
C ARG A 311 32.16 23.95 -16.18
N GLN A 312 31.23 23.99 -15.23
CA GLN A 312 30.77 22.76 -14.59
C GLN A 312 30.11 21.83 -15.61
N LEU A 313 29.25 22.37 -16.46
CA LEU A 313 28.61 21.55 -17.48
C LEU A 313 29.62 21.03 -18.49
N GLY A 314 30.60 21.86 -18.87
CA GLY A 314 31.64 21.40 -19.78
C GLY A 314 32.44 20.25 -19.19
N MET A 315 32.78 20.35 -17.90
CA MET A 315 33.52 19.27 -17.26
C MET A 315 32.68 18.02 -17.11
N TYR A 316 31.37 18.18 -16.86
CA TYR A 316 30.50 17.02 -16.79
C TYR A 316 30.41 16.30 -18.12
N MET A 317 30.25 17.07 -19.21
CA MET A 317 30.24 16.47 -20.54
C MET A 317 31.57 15.80 -20.87
N VAL A 318 32.68 16.44 -20.48
CA VAL A 318 33.99 15.84 -20.70
C VAL A 318 34.13 14.54 -19.92
N THR A 319 33.63 14.51 -18.67
CA THR A 319 33.69 13.29 -17.88
C THR A 319 32.87 12.17 -18.52
N VAL A 320 31.68 12.49 -19.00
CA VAL A 320 30.84 11.47 -19.64
C VAL A 320 31.53 10.94 -20.90
N ILE A 321 32.12 11.84 -21.70
CA ILE A 321 32.79 11.41 -22.92
C ILE A 321 34.00 10.55 -22.60
N ILE A 322 34.77 10.92 -21.58
CA ILE A 322 35.93 10.14 -21.18
C ILE A 322 35.49 8.76 -20.71
N GLY A 323 34.42 8.69 -19.92
CA GLY A 323 33.90 7.40 -19.48
C GLY A 323 33.47 6.53 -20.64
N LEU A 324 32.76 7.11 -21.61
CA LEU A 324 32.32 6.34 -22.76
C LEU A 324 33.52 5.83 -23.56
N ILE A 325 34.54 6.68 -23.75
CA ILE A 325 35.72 6.26 -24.50
C ILE A 325 36.43 5.12 -23.79
N ILE A 326 36.61 5.25 -22.47
CA ILE A 326 37.30 4.22 -21.72
C ILE A 326 36.53 2.91 -21.75
N HIS A 327 35.21 2.99 -21.61
CA HIS A 327 34.40 1.77 -21.57
C HIS A 327 34.36 1.08 -22.93
N GLY A 328 34.12 1.85 -23.99
CA GLY A 328 33.96 1.24 -25.30
C GLY A 328 35.24 1.00 -26.06
N GLY A 329 36.37 1.49 -25.56
CA GLY A 329 37.61 1.33 -26.31
C GLY A 329 38.68 0.54 -25.57
N ILE A 330 38.63 0.54 -24.23
CA ILE A 330 39.62 -0.13 -23.41
C ILE A 330 39.04 -1.30 -22.64
N PHE A 331 37.80 -1.17 -22.15
CA PHE A 331 37.25 -2.22 -21.29
C PHE A 331 36.61 -3.34 -22.10
N LEU A 332 35.71 -3.00 -23.02
CA LEU A 332 35.07 -4.03 -23.83
C LEU A 332 36.07 -4.80 -24.70
N PRO A 333 37.01 -4.15 -25.41
CA PRO A 333 38.04 -4.94 -26.08
C PRO A 333 38.87 -5.79 -25.14
N LEU A 334 39.11 -5.32 -23.92
CA LEU A 334 39.84 -6.13 -22.96
C LEU A 334 39.05 -7.38 -22.57
N ILE A 335 37.73 -7.24 -22.43
CA ILE A 335 36.89 -8.40 -22.14
C ILE A 335 36.93 -9.38 -23.31
N TYR A 336 36.81 -8.86 -24.53
CA TYR A 336 36.85 -9.72 -25.72
C TYR A 336 38.19 -10.44 -25.81
N PHE A 337 39.28 -9.77 -25.45
CA PHE A 337 40.60 -10.39 -25.50
C PHE A 337 40.76 -11.44 -24.41
N VAL A 338 40.32 -11.13 -23.19
CA VAL A 338 40.53 -12.06 -22.08
C VAL A 338 39.65 -13.30 -22.22
N VAL A 339 38.44 -13.16 -22.76
CA VAL A 339 37.54 -14.30 -22.83
C VAL A 339 37.68 -15.01 -24.16
N THR A 340 37.41 -14.30 -25.25
CA THR A 340 37.43 -14.90 -26.58
C THR A 340 38.85 -15.11 -27.10
N ARG A 341 39.76 -14.21 -26.78
CA ARG A 341 41.15 -14.25 -27.26
C ARG A 341 41.20 -14.11 -28.78
N LYS A 342 40.39 -13.20 -29.32
CA LYS A 342 40.44 -12.81 -30.71
C LYS A 342 40.66 -11.30 -30.79
N ASN A 343 41.30 -10.87 -31.88
CA ASN A 343 41.67 -9.47 -32.07
C ASN A 343 40.45 -8.56 -32.04
N PRO A 344 40.29 -7.74 -30.99
CA PRO A 344 39.10 -6.88 -30.91
C PRO A 344 39.08 -5.78 -31.96
N PHE A 345 40.25 -5.38 -32.48
CA PHE A 345 40.27 -4.33 -33.49
C PHE A 345 39.66 -4.81 -34.80
N SER A 346 39.84 -6.09 -35.13
CA SER A 346 39.11 -6.66 -36.25
C SER A 346 37.62 -6.61 -36.01
N PHE A 347 37.20 -6.84 -34.76
CA PHE A 347 35.78 -6.75 -34.43
C PHE A 347 35.26 -5.33 -34.63
N PHE A 348 36.02 -4.32 -34.21
CA PHE A 348 35.68 -2.94 -34.53
C PHE A 348 35.56 -2.73 -36.03
N ALA A 349 36.53 -3.21 -36.80
CA ALA A 349 36.48 -3.06 -38.24
C ALA A 349 35.21 -3.69 -38.81
N GLY A 350 34.75 -4.80 -38.22
CA GLY A 350 33.53 -5.41 -38.68
C GLY A 350 32.30 -4.58 -38.40
N ILE A 351 32.23 -3.99 -37.21
CA ILE A 351 31.03 -3.27 -36.77
C ILE A 351 31.18 -1.76 -36.91
N PHE A 352 32.11 -1.30 -37.75
CA PHE A 352 32.27 0.14 -37.95
C PHE A 352 31.02 0.74 -38.56
N GLN A 353 30.42 0.07 -39.54
CA GLN A 353 29.16 0.54 -40.10
C GLN A 353 28.07 0.58 -39.04
N ALA A 354 28.01 -0.44 -38.19
CA ALA A 354 27.02 -0.45 -37.11
C ALA A 354 27.26 0.70 -36.15
N TRP A 355 28.52 0.98 -35.82
CA TRP A 355 28.81 2.08 -34.91
C TRP A 355 28.42 3.43 -35.52
N ILE A 356 28.72 3.63 -36.80
CA ILE A 356 28.35 4.88 -37.45
C ILE A 356 26.84 5.04 -37.52
N THR A 357 26.12 3.97 -37.87
CA THR A 357 24.66 4.05 -37.91
C THR A 357 24.07 4.26 -36.53
N ALA A 358 24.70 3.72 -35.49
CA ALA A 358 24.25 3.98 -34.13
C ALA A 358 24.44 5.44 -33.76
N LEU A 359 25.58 6.02 -34.14
CA LEU A 359 25.79 7.44 -33.90
C LEU A 359 24.77 8.29 -34.64
N GLY A 360 24.48 7.94 -35.90
CA GLY A 360 23.55 8.73 -36.68
C GLY A 360 22.12 8.62 -36.18
N THR A 361 21.65 7.39 -35.94
CA THR A 361 20.26 7.18 -35.58
C THR A 361 19.98 7.53 -34.12
N ALA A 362 20.99 7.41 -33.25
CA ALA A 362 20.82 7.66 -31.82
C ALA A 362 19.73 6.79 -31.21
N SER A 363 19.64 5.55 -31.71
CA SER A 363 18.66 4.60 -31.18
C SER A 363 19.15 3.19 -31.48
N SER A 364 19.20 2.36 -30.45
CA SER A 364 19.64 0.98 -30.64
C SER A 364 18.65 0.19 -31.50
N ALA A 365 17.35 0.40 -31.29
CA ALA A 365 16.35 -0.33 -32.04
C ALA A 365 16.44 -0.02 -33.54
N GLY A 366 16.62 1.26 -33.89
CA GLY A 366 16.74 1.62 -35.28
C GLY A 366 18.01 1.09 -35.92
N THR A 367 19.10 1.01 -35.17
CA THR A 367 20.37 0.50 -35.65
C THR A 367 20.39 -1.03 -35.69
N LEU A 368 19.44 -1.69 -35.02
CA LEU A 368 19.46 -3.13 -34.90
C LEU A 368 19.57 -3.88 -36.23
N PRO A 369 18.83 -3.52 -37.29
CA PRO A 369 19.06 -4.20 -38.57
C PRO A 369 20.48 -4.07 -39.09
N VAL A 370 21.09 -2.90 -38.90
CA VAL A 370 22.44 -2.68 -39.40
C VAL A 370 23.44 -3.56 -38.66
N THR A 371 23.31 -3.66 -37.33
CA THR A 371 24.23 -4.50 -36.58
C THR A 371 23.96 -5.98 -36.83
N PHE A 372 22.71 -6.37 -37.05
CA PHE A 372 22.43 -7.72 -37.53
C PHE A 372 23.21 -8.02 -38.81
N ARG A 373 23.08 -7.15 -39.81
CA ARG A 373 23.76 -7.38 -41.08
C ARG A 373 25.27 -7.44 -40.90
N CYS A 374 25.81 -6.49 -40.12
CA CYS A 374 27.26 -6.45 -39.93
C CYS A 374 27.77 -7.71 -39.24
N LEU A 375 27.18 -8.07 -38.10
CA LEU A 375 27.67 -9.23 -37.37
C LEU A 375 27.40 -10.54 -38.10
N GLU A 376 26.41 -10.57 -39.00
CA GLU A 376 26.13 -11.81 -39.70
C GLU A 376 27.03 -11.98 -40.93
N GLU A 377 27.08 -10.98 -41.79
CA GLU A 377 27.80 -11.13 -43.05
C GLU A 377 29.26 -10.69 -42.97
N ASN A 378 29.70 -10.09 -41.86
CA ASN A 378 31.08 -9.66 -41.71
C ASN A 378 31.85 -10.55 -40.75
N LEU A 379 31.36 -10.71 -39.51
CA LEU A 379 32.04 -11.55 -38.54
C LEU A 379 31.70 -13.01 -38.69
N GLY A 380 30.59 -13.34 -39.33
CA GLY A 380 30.24 -14.73 -39.58
C GLY A 380 29.85 -15.52 -38.36
N ILE A 381 29.43 -14.85 -37.28
CA ILE A 381 28.98 -15.58 -36.11
C ILE A 381 27.67 -16.31 -36.42
N ASP A 382 27.32 -17.23 -35.52
CA ASP A 382 26.14 -18.07 -35.74
C ASP A 382 24.88 -17.22 -35.82
N LYS A 383 23.91 -17.68 -36.61
CA LYS A 383 22.65 -16.96 -36.74
C LYS A 383 21.87 -16.98 -35.43
N ARG A 384 21.89 -18.10 -34.70
CA ARG A 384 21.09 -18.23 -33.49
C ARG A 384 21.60 -17.27 -32.41
N VAL A 385 22.92 -17.22 -32.21
CA VAL A 385 23.47 -16.38 -31.14
C VAL A 385 23.16 -14.91 -31.41
N THR A 386 23.31 -14.48 -32.66
CA THR A 386 22.98 -13.09 -32.99
C THR A 386 21.49 -12.83 -32.81
N ARG A 387 20.65 -13.71 -33.37
CA ARG A 387 19.22 -13.52 -33.32
C ARG A 387 18.68 -13.52 -31.90
N PHE A 388 19.39 -14.14 -30.96
CA PHE A 388 18.96 -14.00 -29.57
C PHE A 388 19.56 -12.77 -28.91
N VAL A 389 20.88 -12.59 -29.02
CA VAL A 389 21.56 -11.56 -28.24
C VAL A 389 21.13 -10.17 -28.66
N LEU A 390 21.15 -9.89 -29.96
CA LEU A 390 20.93 -8.51 -30.41
C LEU A 390 19.54 -7.97 -30.04
N PRO A 391 18.43 -8.66 -30.32
CA PRO A 391 17.13 -8.08 -29.97
C PRO A 391 16.94 -7.83 -28.48
N VAL A 392 17.53 -8.67 -27.62
CA VAL A 392 17.40 -8.44 -26.18
C VAL A 392 18.50 -7.54 -25.65
N GLY A 393 19.67 -7.52 -26.31
CA GLY A 393 20.71 -6.59 -25.91
C GLY A 393 20.38 -5.16 -26.25
N ALA A 394 19.59 -4.95 -27.29
CA ALA A 394 19.21 -3.58 -27.67
C ALA A 394 18.28 -2.94 -26.66
N THR A 395 17.64 -3.72 -25.80
CA THR A 395 16.71 -3.19 -24.81
C THR A 395 17.08 -3.50 -23.37
N ILE A 396 18.07 -4.36 -23.13
CA ILE A 396 18.44 -4.70 -21.76
C ILE A 396 19.89 -4.32 -21.49
N ASN A 397 20.72 -4.34 -22.52
CA ASN A 397 22.15 -4.08 -22.39
C ASN A 397 22.46 -2.72 -23.01
N MET A 398 22.31 -1.67 -22.21
CA MET A 398 22.84 -0.35 -22.54
C MET A 398 23.81 0.07 -21.44
N ASP A 399 25.10 0.09 -21.78
CA ASP A 399 26.18 0.39 -20.86
C ASP A 399 26.42 1.90 -20.75
N GLY A 400 26.44 2.57 -21.90
CA GLY A 400 26.68 4.00 -21.91
C GLY A 400 25.62 4.76 -21.14
N THR A 401 24.38 4.32 -21.20
CA THR A 401 23.32 4.96 -20.42
C THR A 401 23.57 4.81 -18.93
N ALA A 402 24.06 3.64 -18.50
CA ALA A 402 24.38 3.43 -17.09
C ALA A 402 25.51 4.35 -16.65
N LEU A 403 26.58 4.43 -17.45
CA LEU A 403 27.68 5.31 -17.10
C LEU A 403 27.23 6.77 -17.07
N TYR A 404 26.42 7.18 -18.05
CA TYR A 404 25.91 8.54 -18.10
C TYR A 404 25.09 8.85 -16.85
N GLU A 405 24.20 7.93 -16.46
CA GLU A 405 23.32 8.20 -15.34
C GLU A 405 24.09 8.24 -14.02
N ALA A 406 25.08 7.36 -13.86
CA ALA A 406 25.90 7.41 -12.65
C ALA A 406 26.67 8.72 -12.58
N VAL A 407 27.32 9.10 -13.67
CA VAL A 407 28.10 10.34 -13.68
C VAL A 407 27.19 11.54 -13.43
N ALA A 408 25.99 11.52 -14.01
CA ALA A 408 25.09 12.65 -13.86
C ALA A 408 24.56 12.77 -12.44
N ALA A 409 24.20 11.65 -11.82
CA ALA A 409 23.73 11.70 -10.44
C ALA A 409 24.83 12.19 -9.50
N ILE A 410 26.04 11.68 -9.66
CA ILE A 410 27.13 12.16 -8.80
C ILE A 410 27.45 13.63 -9.10
N PHE A 411 27.32 14.05 -10.36
CA PHE A 411 27.59 15.44 -10.71
C PHE A 411 26.57 16.37 -10.07
N ILE A 412 25.30 15.96 -10.05
CA ILE A 412 24.28 16.75 -9.36
C ILE A 412 24.55 16.76 -7.87
N ALA A 413 25.02 15.64 -7.30
CA ALA A 413 25.35 15.62 -5.89
C ALA A 413 26.48 16.59 -5.58
N GLN A 414 27.51 16.61 -6.42
CA GLN A 414 28.66 17.48 -6.16
C GLN A 414 28.30 18.94 -6.36
N MET A 415 27.57 19.25 -7.43
CA MET A 415 27.23 20.63 -7.75
C MET A 415 26.32 21.26 -6.69
N ASN A 416 25.58 20.44 -5.95
CA ASN A 416 24.77 20.92 -4.84
C ASN A 416 25.56 20.99 -3.54
N GLY A 417 26.84 20.64 -3.55
CA GLY A 417 27.63 20.61 -2.34
C GLY A 417 27.37 19.40 -1.47
N VAL A 418 26.57 18.45 -1.92
CA VAL A 418 26.23 17.27 -1.14
C VAL A 418 27.31 16.21 -1.38
N VAL A 419 28.15 16.00 -0.37
CA VAL A 419 29.16 14.96 -0.45
C VAL A 419 28.52 13.62 -0.11
N LEU A 420 28.80 12.61 -0.92
CA LEU A 420 28.15 11.31 -0.81
C LEU A 420 29.06 10.33 -0.10
N ASP A 421 28.53 9.65 0.91
CA ASP A 421 29.29 8.68 1.67
C ASP A 421 29.36 7.35 0.92
N GLY A 422 30.11 6.40 1.48
CA GLY A 422 30.29 5.11 0.82
C GLY A 422 29.05 4.23 0.82
N GLY A 423 28.01 4.62 1.53
CA GLY A 423 26.77 3.85 1.53
C GLY A 423 25.80 4.35 0.48
N GLN A 424 26.00 5.58 0.01
CA GLN A 424 25.18 6.13 -1.05
C GLN A 424 25.85 6.06 -2.42
N ILE A 425 27.18 6.00 -2.45
CA ILE A 425 27.88 5.76 -3.72
C ILE A 425 27.52 4.39 -4.27
N VAL A 426 27.48 3.37 -3.42
CA VAL A 426 27.04 2.07 -3.90
C VAL A 426 25.57 2.11 -4.29
N THR A 427 24.75 2.87 -3.57
CA THR A 427 23.34 2.97 -3.92
C THR A 427 23.15 3.56 -5.31
N VAL A 428 23.89 4.62 -5.62
CA VAL A 428 23.77 5.23 -6.96
C VAL A 428 24.40 4.33 -8.01
N SER A 429 25.50 3.64 -7.68
CA SER A 429 26.13 2.74 -8.64
C SER A 429 25.33 1.47 -8.89
N LEU A 430 24.37 1.15 -8.03
CA LEU A 430 23.43 0.05 -8.28
C LEU A 430 22.14 0.52 -8.95
N THR A 431 21.66 1.70 -8.57
CA THR A 431 20.46 2.22 -9.20
C THR A 431 20.73 2.66 -10.64
N ALA A 432 21.96 3.07 -10.95
CA ALA A 432 22.31 3.33 -12.34
C ALA A 432 22.20 2.07 -13.17
N THR A 433 22.67 0.94 -12.64
CA THR A 433 22.53 -0.33 -13.35
C THR A 433 21.07 -0.73 -13.50
N LEU A 434 20.31 -0.66 -12.42
CA LEU A 434 18.91 -1.09 -12.47
C LEU A 434 18.00 -0.09 -13.18
N ALA A 435 18.49 1.10 -13.49
CA ALA A 435 17.71 2.06 -14.27
C ALA A 435 18.22 2.22 -15.69
N SER A 436 19.39 1.68 -16.02
CA SER A 436 19.77 1.55 -17.41
C SER A 436 19.07 0.39 -18.09
N VAL A 437 18.58 -0.58 -17.32
CA VAL A 437 17.80 -1.65 -17.90
C VAL A 437 16.43 -1.13 -18.35
N GLY A 438 15.81 -0.28 -17.54
CA GLY A 438 14.48 0.22 -17.84
C GLY A 438 14.46 1.56 -18.54
N ALA A 439 15.59 1.96 -19.14
CA ALA A 439 15.65 3.22 -19.87
C ALA A 439 15.26 3.10 -21.33
N ALA A 440 15.13 1.87 -21.84
CA ALA A 440 14.53 1.64 -23.15
C ALA A 440 13.50 0.53 -23.15
N SER A 441 13.47 -0.32 -22.12
CA SER A 441 12.35 -1.24 -21.94
C SER A 441 11.06 -0.47 -21.69
N ILE A 442 11.15 0.75 -21.17
CA ILE A 442 10.01 1.62 -20.95
C ILE A 442 10.22 2.88 -21.77
N PRO A 443 9.52 3.07 -22.88
CA PRO A 443 9.72 4.28 -23.68
C PRO A 443 9.38 5.55 -22.90
N SER A 444 10.14 6.61 -23.18
CA SER A 444 9.95 7.92 -22.55
C SER A 444 10.09 7.85 -21.03
N ALA A 445 10.96 6.97 -20.54
CA ALA A 445 11.18 6.82 -19.10
C ALA A 445 12.59 7.21 -18.69
N GLY A 446 13.31 7.96 -19.53
CA GLY A 446 14.64 8.40 -19.17
C GLY A 446 14.63 9.38 -18.00
N LEU A 447 13.72 10.35 -18.06
CA LEU A 447 13.57 11.30 -16.97
C LEU A 447 13.15 10.60 -15.69
N VAL A 448 12.25 9.63 -15.80
CA VAL A 448 11.80 8.90 -14.62
C VAL A 448 12.95 8.11 -14.00
N THR A 449 13.82 7.53 -14.84
CA THR A 449 14.96 6.80 -14.31
C THR A 449 15.98 7.72 -13.67
N MET A 450 16.21 8.90 -14.27
CA MET A 450 17.11 9.86 -13.65
C MET A 450 16.58 10.31 -12.30
N LEU A 451 15.27 10.52 -12.19
CA LEU A 451 14.69 10.89 -10.91
C LEU A 451 14.72 9.73 -9.92
N LEU A 452 14.60 8.50 -10.40
CA LEU A 452 14.76 7.34 -9.52
C LEU A 452 16.15 7.32 -8.90
N ILE A 453 17.18 7.56 -9.72
CA ILE A 453 18.54 7.59 -9.21
C ILE A 453 18.74 8.76 -8.26
N LEU A 454 18.20 9.93 -8.60
CA LEU A 454 18.38 11.11 -7.77
C LEU A 454 17.62 11.03 -6.44
N THR A 455 16.53 10.25 -6.38
CA THR A 455 15.80 10.07 -5.14
C THR A 455 16.21 8.83 -4.37
N ALA A 456 16.98 7.93 -4.98
CA ALA A 456 17.53 6.81 -4.23
C ALA A 456 18.67 7.24 -3.32
N VAL A 457 19.29 8.40 -3.59
CA VAL A 457 20.38 8.91 -2.78
C VAL A 457 20.01 10.23 -2.10
N GLY A 458 18.72 10.55 -2.05
CA GLY A 458 18.26 11.72 -1.32
C GLY A 458 18.78 13.05 -1.81
N LEU A 459 18.72 13.29 -3.10
CA LEU A 459 19.22 14.52 -3.69
C LEU A 459 18.08 15.44 -4.11
N PRO A 460 18.32 16.75 -4.19
CA PRO A 460 17.28 17.68 -4.68
C PRO A 460 17.12 17.53 -6.18
N THR A 461 15.91 17.19 -6.60
CA THR A 461 15.62 16.88 -8.00
C THR A 461 15.19 18.11 -8.79
N GLU A 462 15.99 19.17 -8.76
CA GLU A 462 15.71 20.36 -9.54
C GLU A 462 16.83 20.71 -10.52
N ASP A 463 17.95 20.01 -10.50
CA ASP A 463 19.06 20.30 -11.39
C ASP A 463 19.02 19.50 -12.68
N ILE A 464 17.96 18.71 -12.90
CA ILE A 464 17.84 17.94 -14.13
C ILE A 464 17.82 18.83 -15.35
N SER A 465 17.35 20.08 -15.20
CA SER A 465 17.29 20.99 -16.33
C SER A 465 18.67 21.25 -16.92
N LEU A 466 19.68 21.39 -16.06
CA LEU A 466 21.04 21.61 -16.56
C LEU A 466 21.58 20.38 -17.26
N LEU A 467 21.06 19.19 -16.94
CA LEU A 467 21.40 18.01 -17.71
C LEU A 467 20.71 18.03 -19.07
N VAL A 468 19.42 18.37 -19.10
CA VAL A 468 18.67 18.36 -20.35
C VAL A 468 19.19 19.43 -21.31
N ALA A 469 19.75 20.52 -20.77
CA ALA A 469 20.29 21.57 -21.64
C ALA A 469 21.46 21.07 -22.47
N VAL A 470 22.14 20.02 -22.01
CA VAL A 470 23.29 19.47 -22.72
C VAL A 470 23.04 18.05 -23.22
N ASP A 471 21.94 17.43 -22.82
CA ASP A 471 21.66 16.03 -23.18
C ASP A 471 21.10 15.93 -24.60
N TRP A 472 21.88 16.46 -25.55
CA TRP A 472 21.62 16.25 -26.96
C TRP A 472 22.85 15.82 -27.75
N LEU A 473 24.06 16.10 -27.26
CA LEU A 473 25.29 15.63 -27.86
C LEU A 473 25.76 14.31 -27.29
N LEU A 474 25.48 14.06 -26.00
CA LEU A 474 25.91 12.82 -25.36
C LEU A 474 25.05 11.63 -25.75
N ASP A 475 23.83 11.87 -26.26
CA ASP A 475 22.93 10.78 -26.60
C ASP A 475 23.51 9.93 -27.72
N ARG A 476 24.07 10.57 -28.75
CA ARG A 476 24.64 9.81 -29.86
C ARG A 476 25.78 8.92 -29.40
N MET A 477 26.69 9.46 -28.59
CA MET A 477 27.83 8.70 -28.11
C MET A 477 27.43 7.55 -27.18
N ARG A 478 26.48 7.79 -26.26
CA ARG A 478 26.07 6.69 -25.39
C ARG A 478 25.30 5.63 -26.17
N THR A 479 24.53 6.02 -27.19
CA THR A 479 23.89 5.03 -28.04
C THR A 479 24.93 4.19 -28.77
N SER A 480 25.98 4.84 -29.27
CA SER A 480 27.05 4.10 -29.94
C SER A 480 27.72 3.13 -28.99
N VAL A 481 27.95 3.54 -27.74
CA VAL A 481 28.55 2.65 -26.76
C VAL A 481 27.64 1.46 -26.46
N ASN A 482 26.33 1.71 -26.37
CA ASN A 482 25.39 0.61 -26.14
C ASN A 482 25.43 -0.39 -27.29
N VAL A 483 25.45 0.11 -28.53
CA VAL A 483 25.47 -0.79 -29.68
C VAL A 483 26.78 -1.59 -29.72
N VAL A 484 27.89 -0.94 -29.41
CA VAL A 484 29.16 -1.66 -29.36
C VAL A 484 29.13 -2.73 -28.28
N GLY A 485 28.54 -2.41 -27.12
CA GLY A 485 28.41 -3.40 -26.06
C GLY A 485 27.58 -4.59 -26.48
N ASP A 486 26.49 -4.36 -27.20
CA ASP A 486 25.67 -5.46 -27.68
C ASP A 486 26.43 -6.31 -28.69
N SER A 487 27.20 -5.68 -29.57
CA SER A 487 27.98 -6.44 -30.55
C SER A 487 29.01 -7.32 -29.85
N PHE A 488 29.71 -6.77 -28.86
CA PHE A 488 30.69 -7.57 -28.14
C PHE A 488 30.02 -8.66 -27.31
N GLY A 489 28.82 -8.41 -26.80
CA GLY A 489 28.08 -9.47 -26.15
C GLY A 489 27.76 -10.62 -27.08
N ALA A 490 27.34 -10.28 -28.31
CA ALA A 490 27.10 -11.33 -29.30
C ALA A 490 28.37 -12.13 -29.58
N GLY A 491 29.50 -11.43 -29.75
CA GLY A 491 30.74 -12.12 -30.00
C GLY A 491 31.14 -13.04 -28.85
N ILE A 492 31.04 -12.53 -27.63
CA ILE A 492 31.42 -13.32 -26.45
C ILE A 492 30.53 -14.55 -26.32
N VAL A 493 29.22 -14.36 -26.47
CA VAL A 493 28.30 -15.48 -26.32
C VAL A 493 28.53 -16.52 -27.41
N TYR A 494 28.80 -16.07 -28.64
CA TYR A 494 29.09 -17.04 -29.69
C TYR A 494 30.35 -17.82 -29.40
N HIS A 495 31.41 -17.15 -28.95
CA HIS A 495 32.65 -17.87 -28.70
C HIS A 495 32.57 -18.78 -27.48
N LEU A 496 31.62 -18.53 -26.58
CA LEU A 496 31.44 -19.37 -25.40
C LEU A 496 30.41 -20.47 -25.62
N SER A 497 29.83 -20.57 -26.80
CA SER A 497 28.85 -21.61 -27.08
C SER A 497 29.04 -22.24 -28.45
N LYS A 498 30.21 -22.06 -29.07
CA LYS A 498 30.44 -22.59 -30.41
C LYS A 498 30.39 -24.12 -30.41
N SER A 499 30.94 -24.75 -29.37
CA SER A 499 30.95 -26.21 -29.31
C SER A 499 29.53 -26.77 -29.22
N GLU A 500 28.70 -26.18 -28.36
CA GLU A 500 27.33 -26.67 -28.21
C GLU A 500 26.53 -26.48 -29.48
N LEU A 501 26.65 -25.32 -30.12
CA LEU A 501 25.95 -25.08 -31.38
C LEU A 501 26.42 -26.03 -32.46
N ASP A 502 27.73 -26.28 -32.54
CA ASP A 502 28.25 -27.23 -33.53
C ASP A 502 27.71 -28.64 -33.28
N THR A 503 27.68 -29.06 -32.01
CA THR A 503 27.16 -30.39 -31.70
C THR A 503 25.68 -30.51 -32.05
N ILE A 504 24.90 -29.46 -31.78
CA ILE A 504 23.48 -29.49 -32.12
C ILE A 504 23.30 -29.53 -33.63
N ASP A 505 24.07 -28.73 -34.36
CA ASP A 505 23.94 -28.69 -35.82
C ASP A 505 24.40 -29.99 -36.47
N SER A 506 25.35 -30.69 -35.84
CA SER A 506 25.86 -31.93 -36.42
C SER A 506 24.76 -32.98 -36.52
N GLN A 507 23.91 -33.07 -35.52
CA GLN A 507 22.81 -34.04 -35.54
C GLN A 507 21.71 -33.61 -36.49
N ARG B 36 26.47 -44.06 8.15
CA ARG B 36 25.31 -44.18 9.04
C ARG B 36 24.88 -42.81 9.56
N LEU B 37 25.86 -41.93 9.75
CA LEU B 37 25.55 -40.58 10.23
C LEU B 37 24.80 -39.77 9.18
N CYS B 38 25.15 -39.96 7.90
CA CYS B 38 24.48 -39.21 6.84
C CYS B 38 22.99 -39.54 6.79
N ASP B 39 22.63 -40.81 6.94
CA ASP B 39 21.22 -41.20 6.91
C ASP B 39 20.42 -40.52 8.02
N LYS B 40 21.07 -40.07 9.09
CA LYS B 40 20.39 -39.36 10.16
C LYS B 40 20.38 -37.85 9.93
N LEU B 41 21.53 -37.26 9.61
CA LEU B 41 21.61 -35.80 9.49
C LEU B 41 20.94 -35.30 8.21
N GLY B 42 21.20 -35.95 7.08
CA GLY B 42 20.75 -35.40 5.80
C GLY B 42 19.25 -35.31 5.66
N LYS B 43 18.51 -36.25 6.26
CA LYS B 43 17.07 -36.26 6.10
C LYS B 43 16.40 -35.05 6.75
N ASN B 44 17.09 -34.36 7.65
CA ASN B 44 16.59 -33.19 8.35
C ASN B 44 17.59 -32.05 8.24
N LEU B 45 18.01 -31.77 7.00
CA LEU B 45 19.16 -30.90 6.77
C LEU B 45 18.98 -29.52 7.39
N LEU B 46 17.78 -28.93 7.29
CA LEU B 46 17.59 -27.61 7.89
C LEU B 46 17.74 -27.67 9.40
N LEU B 47 17.15 -28.68 10.04
CA LEU B 47 17.26 -28.80 11.49
C LEU B 47 18.70 -29.02 11.92
N THR B 48 19.43 -29.90 11.21
CA THR B 48 20.80 -30.16 11.61
C THR B 48 21.69 -28.93 11.36
N LEU B 49 21.42 -28.17 10.30
CA LEU B 49 22.14 -26.93 10.08
C LEU B 49 21.86 -25.93 11.18
N THR B 50 20.60 -25.82 11.61
CA THR B 50 20.28 -24.89 12.69
C THR B 50 20.95 -25.31 14.00
N VAL B 51 20.96 -26.61 14.29
CA VAL B 51 21.61 -27.08 15.52
C VAL B 51 23.11 -26.82 15.47
N PHE B 52 23.75 -27.12 14.34
CA PHE B 52 25.17 -26.87 14.21
C PHE B 52 25.48 -25.39 14.34
N GLY B 53 24.63 -24.54 13.73
CA GLY B 53 24.82 -23.11 13.87
C GLY B 53 24.70 -22.63 15.30
N VAL B 54 23.71 -23.15 16.03
CA VAL B 54 23.54 -22.76 17.42
C VAL B 54 24.75 -23.17 18.25
N ILE B 55 25.21 -24.41 18.06
CA ILE B 55 26.38 -24.88 18.81
C ILE B 55 27.60 -24.04 18.49
N LEU B 56 27.83 -23.77 17.20
CA LEU B 56 28.99 -22.98 16.80
C LEU B 56 28.91 -21.57 17.37
N GLY B 57 27.74 -20.94 17.30
CA GLY B 57 27.58 -19.62 17.86
C GLY B 57 27.82 -19.59 19.36
N ALA B 58 27.30 -20.59 20.07
CA ALA B 58 27.48 -20.63 21.52
C ALA B 58 28.94 -20.81 21.88
N VAL B 59 29.66 -21.71 21.19
CA VAL B 59 31.05 -21.94 21.55
C VAL B 59 31.91 -20.74 21.17
N CYS B 60 31.63 -20.11 20.03
CA CYS B 60 32.38 -18.91 19.66
C CYS B 60 32.09 -17.77 20.63
N GLY B 61 30.84 -17.65 21.08
CA GLY B 61 30.53 -16.64 22.08
C GLY B 61 31.23 -16.89 23.40
N GLY B 62 31.30 -18.15 23.82
CA GLY B 62 32.06 -18.47 25.01
C GLY B 62 33.53 -18.13 24.88
N LEU B 63 34.13 -18.49 23.74
CA LEU B 63 35.54 -18.19 23.52
C LEU B 63 35.79 -16.68 23.53
N LEU B 64 34.92 -15.90 22.87
CA LEU B 64 35.08 -14.45 22.88
C LEU B 64 34.80 -13.86 24.25
N ARG B 65 33.95 -14.51 25.04
CA ARG B 65 33.74 -14.08 26.42
C ARG B 65 34.99 -14.30 27.25
N LEU B 66 35.73 -15.38 26.96
CA LEU B 66 37.00 -15.60 27.63
C LEU B 66 38.02 -14.52 27.30
N ALA B 67 37.79 -13.74 26.25
CA ALA B 67 38.68 -12.65 25.88
C ALA B 67 38.30 -11.38 26.65
N SER B 68 39.00 -10.30 26.35
CA SER B 68 38.78 -9.03 27.02
C SER B 68 37.42 -8.45 26.63
N PRO B 69 36.89 -7.51 27.43
CA PRO B 69 35.64 -6.83 27.05
C PRO B 69 35.71 -6.26 25.63
N ILE B 70 34.86 -6.78 24.76
CA ILE B 70 34.95 -6.50 23.33
C ILE B 70 34.34 -5.13 23.03
N HIS B 71 34.94 -4.45 22.06
CA HIS B 71 34.40 -3.19 21.56
C HIS B 71 32.96 -3.40 21.10
N PRO B 72 32.02 -2.57 21.56
CA PRO B 72 30.61 -2.77 21.17
C PRO B 72 30.39 -2.71 19.67
N ASP B 73 31.23 -2.01 18.92
CA ASP B 73 31.11 -2.05 17.46
C ASP B 73 31.50 -3.41 16.91
N VAL B 74 32.49 -4.07 17.51
CA VAL B 74 32.82 -5.42 17.07
C VAL B 74 31.67 -6.38 17.37
N VAL B 75 30.97 -6.18 18.49
CA VAL B 75 29.78 -6.97 18.77
C VAL B 75 28.68 -6.68 17.75
N MET B 76 28.53 -5.41 17.36
CA MET B 76 27.53 -5.06 16.36
C MET B 76 27.83 -5.74 15.03
N LEU B 77 29.09 -5.77 14.63
CA LEU B 77 29.46 -6.53 13.43
C LEU B 77 29.22 -8.03 13.61
N ILE B 78 29.51 -8.55 14.80
CA ILE B 78 29.31 -9.99 15.04
C ILE B 78 27.83 -10.34 14.97
N ALA B 79 26.98 -9.56 15.62
CA ALA B 79 25.56 -9.83 15.68
C ALA B 79 24.79 -9.24 14.51
N PHE B 80 25.47 -8.92 13.41
CA PHE B 80 24.81 -8.28 12.28
C PHE B 80 24.00 -9.24 11.43
N PRO B 81 24.52 -10.43 11.07
CA PRO B 81 23.67 -11.37 10.30
C PRO B 81 22.39 -11.75 11.02
N GLY B 82 22.39 -11.79 12.35
CA GLY B 82 21.14 -11.97 13.07
C GLY B 82 20.19 -10.82 12.88
N ASP B 83 20.70 -9.59 12.88
CA ASP B 83 19.86 -8.44 12.58
C ASP B 83 19.29 -8.55 11.18
N ILE B 84 20.09 -9.01 10.21
CA ILE B 84 19.61 -9.16 8.85
C ILE B 84 18.50 -10.20 8.78
N LEU B 85 18.67 -11.31 9.50
CA LEU B 85 17.61 -12.32 9.51
C LEU B 85 16.33 -11.77 10.13
N MET B 86 16.44 -11.05 11.24
CA MET B 86 15.25 -10.49 11.88
C MET B 86 14.54 -9.49 10.97
N ARG B 87 15.32 -8.67 10.26
CA ARG B 87 14.73 -7.72 9.32
C ARG B 87 14.08 -8.44 8.15
N MET B 88 14.72 -9.51 7.66
CA MET B 88 14.14 -10.29 6.58
C MET B 88 12.78 -10.85 6.97
N LEU B 89 12.68 -11.39 8.18
CA LEU B 89 11.41 -11.98 8.61
C LEU B 89 10.36 -10.92 8.91
N LYS B 90 10.77 -9.80 9.53
CA LYS B 90 9.82 -8.73 9.81
C LYS B 90 9.37 -8.04 8.54
N MET B 91 10.12 -8.16 7.45
CA MET B 91 9.63 -7.66 6.17
C MET B 91 8.46 -8.48 5.67
N LEU B 92 8.43 -9.77 5.97
CA LEU B 92 7.38 -10.67 5.51
C LEU B 92 6.25 -10.85 6.49
N ILE B 93 6.40 -10.40 7.74
CA ILE B 93 5.26 -10.50 8.65
C ILE B 93 4.07 -9.69 8.19
N LEU B 94 4.26 -8.70 7.30
CA LEU B 94 3.13 -7.92 6.81
C LEU B 94 2.37 -8.68 5.71
N PRO B 95 3.01 -9.12 4.62
CA PRO B 95 2.24 -9.84 3.58
C PRO B 95 1.60 -11.11 4.08
N LEU B 96 2.19 -11.77 5.08
CA LEU B 96 1.55 -12.97 5.63
C LEU B 96 0.22 -12.63 6.28
N ILE B 97 0.17 -11.60 7.12
CA ILE B 97 -1.12 -11.28 7.72
C ILE B 97 -2.07 -10.65 6.72
N ILE B 98 -1.56 -10.05 5.65
CA ILE B 98 -2.46 -9.54 4.61
C ILE B 98 -3.09 -10.68 3.84
N SER B 99 -2.32 -11.71 3.51
CA SER B 99 -2.75 -12.71 2.55
C SER B 99 -3.28 -14.00 3.18
N SER B 100 -2.63 -14.50 4.24
CA SER B 100 -3.04 -15.76 4.83
C SER B 100 -4.39 -15.65 5.52
N LEU B 101 -4.66 -14.52 6.17
CA LEU B 101 -5.98 -14.32 6.76
C LEU B 101 -7.06 -14.39 5.70
N ILE B 102 -6.87 -13.67 4.60
CA ILE B 102 -7.85 -13.66 3.52
C ILE B 102 -8.00 -15.07 2.92
N THR B 103 -6.89 -15.73 2.64
CA THR B 103 -6.93 -17.06 2.03
C THR B 103 -7.63 -18.07 2.93
N GLY B 104 -7.30 -18.06 4.23
CA GLY B 104 -7.91 -19.02 5.13
C GLY B 104 -9.39 -18.75 5.36
N LEU B 105 -9.74 -17.49 5.66
CA LEU B 105 -11.14 -17.18 5.95
C LEU B 105 -12.02 -17.37 4.73
N SER B 106 -11.55 -16.95 3.55
CA SER B 106 -12.35 -17.09 2.35
C SER B 106 -12.29 -18.51 1.79
N GLY B 107 -11.10 -18.97 1.45
CA GLY B 107 -10.94 -20.25 0.80
C GLY B 107 -11.20 -21.46 1.67
N LEU B 108 -10.42 -21.62 2.73
CA LEU B 108 -10.47 -22.86 3.52
C LEU B 108 -11.83 -23.06 4.17
N ASP B 109 -12.42 -22.00 4.72
CA ASP B 109 -13.69 -22.12 5.44
C ASP B 109 -14.79 -22.47 4.45
N ALA B 110 -15.20 -23.74 4.45
CA ALA B 110 -16.33 -24.21 3.66
C ALA B 110 -17.33 -24.84 4.59
N LYS B 111 -18.57 -24.34 4.56
CA LYS B 111 -19.62 -24.80 5.46
C LYS B 111 -20.38 -26.00 4.94
N ALA B 112 -19.87 -26.65 3.88
CA ALA B 112 -20.48 -27.90 3.41
C ALA B 112 -20.44 -28.99 4.47
N SER B 113 -19.53 -28.87 5.44
CA SER B 113 -19.48 -29.81 6.56
C SER B 113 -20.65 -29.64 7.51
N GLY B 114 -21.42 -28.56 7.39
CA GLY B 114 -22.58 -28.38 8.23
C GLY B 114 -22.23 -28.07 9.68
N ARG B 115 -23.19 -28.37 10.56
CA ARG B 115 -23.02 -28.08 11.97
C ARG B 115 -21.79 -28.77 12.55
N LEU B 116 -21.54 -30.02 12.11
CA LEU B 116 -20.37 -30.75 12.59
C LEU B 116 -19.10 -29.97 12.35
N GLY B 117 -19.05 -29.18 11.26
CA GLY B 117 -17.91 -28.29 11.07
C GLY B 117 -17.86 -27.20 12.13
N THR B 118 -18.96 -26.48 12.32
CA THR B 118 -18.95 -25.36 13.26
C THR B 118 -18.69 -25.84 14.68
N ARG B 119 -19.31 -26.95 15.08
CA ARG B 119 -19.06 -27.50 16.41
C ARG B 119 -17.58 -27.76 16.63
N ALA B 120 -16.82 -28.03 15.57
CA ALA B 120 -15.38 -28.14 15.71
C ALA B 120 -14.73 -26.76 15.77
N MET B 121 -15.10 -25.87 14.84
CA MET B 121 -14.40 -24.59 14.73
C MET B 121 -14.57 -23.76 15.99
N VAL B 122 -15.81 -23.64 16.48
CA VAL B 122 -16.04 -22.87 17.70
C VAL B 122 -15.31 -23.50 18.87
N TYR B 123 -15.03 -24.80 18.79
CA TYR B 123 -14.20 -25.43 19.81
C TYR B 123 -12.78 -24.90 19.75
N TYR B 124 -12.18 -24.90 18.55
CA TYR B 124 -10.77 -24.58 18.42
C TYR B 124 -10.48 -23.18 18.95
N MET B 125 -11.07 -22.16 18.32
CA MET B 125 -10.88 -20.79 18.75
C MET B 125 -11.34 -20.55 20.18
N SER B 126 -11.99 -21.54 20.80
CA SER B 126 -12.34 -21.41 22.22
C SER B 126 -11.26 -22.01 23.12
N THR B 127 -10.72 -23.17 22.75
CA THR B 127 -9.72 -23.78 23.63
C THR B 127 -8.37 -23.09 23.50
N THR B 128 -8.00 -22.66 22.28
CA THR B 128 -6.71 -22.01 22.08
C THR B 128 -6.59 -20.77 22.95
N ILE B 129 -7.63 -19.95 22.97
CA ILE B 129 -7.63 -18.78 23.84
C ILE B 129 -7.47 -19.20 25.29
N ILE B 130 -8.17 -20.25 25.71
CA ILE B 130 -8.01 -20.75 27.07
C ILE B 130 -6.57 -21.12 27.33
N ALA B 131 -5.89 -21.68 26.32
CA ALA B 131 -4.45 -21.89 26.46
C ALA B 131 -3.71 -20.57 26.56
N ALA B 132 -3.95 -19.67 25.59
CA ALA B 132 -3.13 -18.46 25.50
C ALA B 132 -3.24 -17.63 26.76
N VAL B 133 -4.47 -17.32 27.17
CA VAL B 133 -4.68 -16.55 28.39
C VAL B 133 -4.00 -17.25 29.56
N LEU B 134 -4.12 -18.57 29.64
CA LEU B 134 -3.49 -19.30 30.74
C LEU B 134 -2.01 -18.99 30.80
N GLY B 135 -1.33 -19.04 29.66
CA GLY B 135 0.08 -18.71 29.65
C GLY B 135 0.33 -17.33 30.19
N VAL B 136 -0.45 -16.35 29.71
CA VAL B 136 -0.28 -14.98 30.17
C VAL B 136 -0.57 -14.88 31.66
N ILE B 137 -1.46 -15.72 32.18
CA ILE B 137 -1.71 -15.71 33.61
C ILE B 137 -0.51 -16.28 34.36
N LEU B 138 0.11 -17.34 33.82
CA LEU B 138 1.21 -17.97 34.54
C LEU B 138 2.46 -17.12 34.49
N VAL B 139 2.80 -16.60 33.31
CA VAL B 139 4.06 -15.88 33.16
C VAL B 139 4.03 -14.56 33.93
N LEU B 140 2.85 -13.95 34.08
CA LEU B 140 2.75 -12.77 34.93
C LEU B 140 2.69 -13.12 36.41
N ALA B 141 2.40 -14.38 36.74
CA ALA B 141 2.44 -14.81 38.13
C ALA B 141 3.84 -15.24 38.55
N ILE B 142 4.56 -15.93 37.66
CA ILE B 142 5.88 -16.42 37.98
C ILE B 142 6.97 -15.39 37.67
N HIS B 143 6.78 -14.59 36.62
CA HIS B 143 7.72 -13.60 36.10
C HIS B 143 9.13 -14.18 36.02
N PRO B 144 9.38 -15.10 35.08
CA PRO B 144 10.70 -15.76 35.03
C PRO B 144 11.86 -14.81 34.85
N GLY B 145 11.70 -13.77 34.04
CA GLY B 145 12.81 -12.89 33.73
C GLY B 145 12.80 -11.56 34.45
N ASN B 146 11.75 -11.31 35.24
CA ASN B 146 11.60 -10.00 35.88
C ASN B 146 12.74 -9.65 36.81
N PRO B 147 13.22 -10.55 37.69
CA PRO B 147 14.34 -10.17 38.57
C PRO B 147 15.58 -9.73 37.81
N LYS B 148 15.88 -10.38 36.68
CA LYS B 148 16.98 -10.05 35.77
C LYS B 148 18.24 -9.51 36.48
N VAL B 162 0.57 5.59 32.27
CA VAL B 162 -0.76 5.57 31.68
C VAL B 162 -1.66 4.59 32.43
N SER B 163 -2.85 5.05 32.79
CA SER B 163 -3.79 4.22 33.54
C SER B 163 -4.23 3.02 32.69
N SER B 164 -4.90 2.08 33.36
CA SER B 164 -5.39 0.90 32.65
C SER B 164 -6.60 1.21 31.78
N LEU B 165 -7.43 2.16 32.22
CA LEU B 165 -8.59 2.55 31.41
C LEU B 165 -8.15 3.13 30.08
N ASP B 166 -7.18 4.04 30.10
CA ASP B 166 -6.64 4.58 28.86
C ASP B 166 -5.93 3.50 28.05
N ALA B 167 -5.34 2.52 28.71
CA ALA B 167 -4.70 1.43 27.99
C ALA B 167 -5.72 0.60 27.21
N PHE B 168 -6.86 0.29 27.82
CA PHE B 168 -7.89 -0.46 27.09
C PHE B 168 -8.56 0.39 26.03
N LEU B 169 -8.74 1.68 26.29
CA LEU B 169 -9.27 2.55 25.24
C LEU B 169 -8.30 2.62 24.06
N ASP B 170 -7.00 2.65 24.33
CA ASP B 170 -6.01 2.62 23.26
C ASP B 170 -6.05 1.29 22.52
N LEU B 171 -6.26 0.19 23.22
CA LEU B 171 -6.40 -1.10 22.57
C LEU B 171 -7.57 -1.08 21.59
N ILE B 172 -8.71 -0.57 22.04
CA ILE B 172 -9.88 -0.53 21.16
C ILE B 172 -9.67 0.43 20.01
N ARG B 173 -8.99 1.55 20.25
CA ARG B 173 -8.72 2.50 19.18
C ARG B 173 -7.80 1.90 18.12
N ASN B 174 -6.75 1.20 18.55
CA ASN B 174 -5.86 0.55 17.61
C ASN B 174 -6.50 -0.65 16.93
N LEU B 175 -7.58 -1.19 17.52
CA LEU B 175 -8.27 -2.30 16.89
C LEU B 175 -9.13 -1.85 15.72
N PHE B 176 -9.49 -0.57 15.67
CA PHE B 176 -10.22 0.04 14.56
C PHE B 176 -9.36 1.19 14.04
N PRO B 177 -8.39 0.91 13.17
CA PRO B 177 -7.47 1.96 12.72
C PRO B 177 -8.16 2.91 11.75
N GLU B 178 -8.16 4.20 12.10
CA GLU B 178 -8.83 5.19 11.26
C GLU B 178 -8.17 5.34 9.90
N ASN B 179 -6.94 4.86 9.73
CA ASN B 179 -6.27 4.83 8.45
C ASN B 179 -5.66 3.46 8.25
N LEU B 180 -5.55 3.04 6.98
CA LEU B 180 -5.11 1.70 6.67
C LEU B 180 -3.68 1.61 6.17
N VAL B 181 -3.18 2.66 5.50
CA VAL B 181 -1.76 2.69 5.17
C VAL B 181 -0.93 3.16 6.36
N GLN B 182 -1.54 3.92 7.27
CA GLN B 182 -0.87 4.34 8.49
C GLN B 182 -1.01 3.33 9.61
N ALA B 183 -1.82 2.29 9.43
CA ALA B 183 -1.89 1.18 10.37
C ALA B 183 -0.85 0.12 10.08
N CYS B 184 -0.05 0.29 9.03
CA CYS B 184 1.01 -0.66 8.73
C CYS B 184 2.28 -0.37 9.52
N PHE B 185 2.43 0.83 10.07
CA PHE B 185 3.61 1.15 10.85
C PHE B 185 3.36 2.05 12.06
N GLN B 186 2.13 2.41 12.38
CA GLN B 186 1.89 3.38 13.44
C GLN B 186 0.64 3.03 14.22
N GLN B 187 0.76 3.09 15.55
CA GLN B 187 -0.35 2.93 16.47
C GLN B 187 -0.65 4.26 17.16
N ILE B 188 -1.85 4.38 17.69
CA ILE B 188 -2.27 5.56 18.43
C ILE B 188 -2.08 5.30 19.91
N GLN B 189 -1.42 6.22 20.59
CA GLN B 189 -1.16 6.13 22.02
C GLN B 189 -1.77 7.33 22.72
N THR B 190 -2.47 7.07 23.82
CA THR B 190 -3.04 8.13 24.65
C THR B 190 -1.96 8.70 25.55
N VAL B 191 -1.76 10.02 25.49
CA VAL B 191 -0.81 10.72 26.34
C VAL B 191 -1.53 11.82 27.09
N THR B 192 -1.32 11.89 28.40
CA THR B 192 -2.04 12.82 29.26
C THR B 192 -1.51 14.23 29.20
N LYS B 193 -0.36 14.46 28.56
CA LYS B 193 0.23 15.79 28.47
C LYS B 193 -0.69 16.77 27.75
N VAL B 229 -1.00 19.32 32.36
CA VAL B 229 -0.80 17.90 32.07
C VAL B 229 -2.06 17.12 32.38
N ILE B 230 -3.21 17.71 32.09
CA ILE B 230 -4.49 17.06 32.35
C ILE B 230 -5.30 16.83 31.09
N LYS B 231 -5.13 17.62 30.04
CA LYS B 231 -5.89 17.45 28.80
C LYS B 231 -5.33 16.25 28.04
N LYS B 232 -6.05 15.14 28.10
CA LYS B 232 -5.61 13.93 27.40
C LYS B 232 -5.69 14.12 25.89
N GLY B 233 -4.68 13.60 25.19
CA GLY B 233 -4.66 13.64 23.75
C GLY B 233 -4.21 12.29 23.20
N LEU B 234 -4.29 12.18 21.87
CA LEU B 234 -3.92 10.97 21.16
C LEU B 234 -2.80 11.30 20.18
N GLU B 235 -1.61 10.78 20.44
CA GLU B 235 -0.51 10.94 19.49
C GLU B 235 -0.25 9.63 18.78
N PHE B 236 0.65 9.66 17.81
CA PHE B 236 0.94 8.51 16.97
C PHE B 236 2.28 7.92 17.40
N LYS B 237 2.25 6.70 17.89
CA LYS B 237 3.45 5.97 18.27
C LYS B 237 4.13 5.47 17.00
N ASP B 238 5.20 4.69 17.17
CA ASP B 238 5.84 4.01 16.06
C ASP B 238 5.85 2.52 16.35
N GLY B 239 5.50 1.73 15.36
CA GLY B 239 5.38 0.29 15.50
C GLY B 239 4.16 -0.18 14.75
N MET B 240 4.26 -1.40 14.21
CA MET B 240 3.18 -1.94 13.39
C MET B 240 1.92 -2.11 14.21
N ASN B 241 0.77 -1.88 13.58
CA ASN B 241 -0.54 -2.05 14.21
C ASN B 241 -1.09 -3.40 13.77
N VAL B 242 -0.60 -4.46 14.41
CA VAL B 242 -0.96 -5.81 14.02
C VAL B 242 -2.45 -6.05 14.23
N LEU B 243 -2.98 -5.60 15.37
CA LEU B 243 -4.37 -5.90 15.71
C LEU B 243 -5.35 -5.25 14.73
N GLY B 244 -5.10 -3.99 14.36
CA GLY B 244 -6.00 -3.33 13.43
C GLY B 244 -6.00 -3.97 12.06
N LEU B 245 -4.82 -4.31 11.54
CA LEU B 245 -4.73 -4.98 10.25
C LEU B 245 -5.40 -6.35 10.30
N ILE B 246 -5.17 -7.10 11.37
CA ILE B 246 -5.79 -8.41 11.49
C ILE B 246 -7.30 -8.29 11.52
N GLY B 247 -7.84 -7.33 12.29
CA GLY B 247 -9.28 -7.16 12.33
C GLY B 247 -9.86 -6.77 10.99
N PHE B 248 -9.24 -5.78 10.33
CA PHE B 248 -9.77 -5.34 9.04
C PHE B 248 -9.73 -6.46 8.02
N PHE B 249 -8.65 -7.24 7.98
CA PHE B 249 -8.57 -8.25 6.95
C PHE B 249 -9.33 -9.51 7.31
N ILE B 250 -9.64 -9.74 8.59
CA ILE B 250 -10.66 -10.73 8.93
C ILE B 250 -12.00 -10.31 8.36
N ALA B 251 -12.35 -9.03 8.51
CA ALA B 251 -13.59 -8.52 7.92
C ALA B 251 -13.57 -8.68 6.40
N PHE B 252 -12.44 -8.35 5.78
CA PHE B 252 -12.29 -8.46 4.34
C PHE B 252 -12.47 -9.89 3.86
N GLY B 253 -11.83 -10.85 4.55
CA GLY B 253 -11.96 -12.24 4.17
C GLY B 253 -13.36 -12.77 4.38
N ILE B 254 -14.02 -12.34 5.45
CA ILE B 254 -15.39 -12.77 5.70
C ILE B 254 -16.31 -12.26 4.59
N ALA B 255 -16.15 -10.99 4.20
CA ALA B 255 -16.96 -10.44 3.12
C ALA B 255 -16.69 -11.17 1.80
N MET B 256 -15.42 -11.48 1.52
CA MET B 256 -15.12 -12.21 0.29
C MET B 256 -15.75 -13.60 0.31
N GLY B 257 -15.67 -14.29 1.45
CA GLY B 257 -16.31 -15.59 1.55
C GLY B 257 -17.81 -15.50 1.38
N LYS B 258 -18.43 -14.43 1.88
CA LYS B 258 -19.86 -14.27 1.73
C LYS B 258 -20.25 -13.92 0.30
N MET B 259 -19.34 -13.34 -0.49
CA MET B 259 -19.67 -13.11 -1.89
C MET B 259 -19.80 -14.42 -2.68
N GLY B 260 -19.17 -15.49 -2.23
CA GLY B 260 -19.29 -16.76 -2.92
C GLY B 260 -18.32 -16.94 -4.06
N ASP B 261 -18.84 -17.19 -5.26
CA ASP B 261 -18.03 -17.46 -6.43
C ASP B 261 -17.72 -16.20 -7.25
N GLN B 262 -18.47 -15.12 -7.06
CA GLN B 262 -18.22 -13.90 -7.83
C GLN B 262 -16.90 -13.24 -7.47
N ALA B 263 -16.29 -13.62 -6.35
CA ALA B 263 -14.99 -13.08 -5.94
C ALA B 263 -13.86 -14.07 -6.18
N LYS B 264 -14.08 -15.06 -7.04
CA LYS B 264 -13.09 -16.10 -7.27
C LYS B 264 -11.80 -15.53 -7.85
N LEU B 265 -11.88 -14.48 -8.65
CA LEU B 265 -10.68 -13.91 -9.24
C LEU B 265 -9.76 -13.37 -8.15
N MET B 266 -10.31 -12.62 -7.20
CA MET B 266 -9.47 -12.08 -6.14
C MET B 266 -9.08 -13.17 -5.14
N VAL B 267 -9.93 -14.18 -4.94
CA VAL B 267 -9.52 -15.31 -4.11
C VAL B 267 -8.29 -15.98 -4.70
N ASP B 268 -8.29 -16.20 -6.01
CA ASP B 268 -7.13 -16.81 -6.67
C ASP B 268 -5.92 -15.89 -6.63
N PHE B 269 -6.14 -14.58 -6.80
CA PHE B 269 -5.02 -13.64 -6.72
C PHE B 269 -4.35 -13.69 -5.36
N PHE B 270 -5.14 -13.70 -4.29
CA PHE B 270 -4.55 -13.71 -2.96
C PHE B 270 -3.98 -15.08 -2.60
N ASN B 271 -4.55 -16.15 -3.15
CA ASN B 271 -3.94 -17.47 -2.97
C ASN B 271 -2.56 -17.53 -3.63
N ILE B 272 -2.45 -16.97 -4.83
CA ILE B 272 -1.15 -16.90 -5.51
C ILE B 272 -0.16 -16.07 -4.68
N LEU B 273 -0.62 -14.93 -4.16
CA LEU B 273 0.26 -14.11 -3.33
C LEU B 273 0.70 -14.85 -2.08
N ASN B 274 -0.21 -15.62 -1.47
CA ASN B 274 0.13 -16.40 -0.28
C ASN B 274 1.18 -17.46 -0.60
N GLU B 275 1.01 -18.16 -1.72
CA GLU B 275 2.01 -19.16 -2.10
C GLU B 275 3.37 -18.51 -2.36
N ILE B 276 3.38 -17.35 -3.02
CA ILE B 276 4.64 -16.67 -3.27
C ILE B 276 5.31 -16.26 -1.97
N VAL B 277 4.53 -15.74 -1.02
CA VAL B 277 5.11 -15.28 0.23
C VAL B 277 5.61 -16.46 1.06
N MET B 278 4.91 -17.59 1.02
CA MET B 278 5.40 -18.78 1.72
C MET B 278 6.68 -19.30 1.08
N LYS B 279 6.79 -19.22 -0.25
CA LYS B 279 8.05 -19.57 -0.89
C LYS B 279 9.17 -18.65 -0.43
N LEU B 280 8.87 -17.36 -0.28
CA LEU B 280 9.87 -16.43 0.24
C LEU B 280 10.27 -16.77 1.67
N VAL B 281 9.30 -17.15 2.49
CA VAL B 281 9.59 -17.51 3.88
C VAL B 281 10.49 -18.74 3.94
N ILE B 282 10.19 -19.74 3.13
CA ILE B 282 11.04 -20.94 3.10
C ILE B 282 12.44 -20.57 2.60
N MET B 283 12.51 -19.73 1.56
CA MET B 283 13.81 -19.32 1.02
C MET B 283 14.63 -18.57 2.05
N ILE B 284 13.99 -17.70 2.84
CA ILE B 284 14.70 -16.95 3.86
C ILE B 284 15.15 -17.87 4.99
N MET B 285 14.29 -18.81 5.39
CA MET B 285 14.60 -19.68 6.51
C MET B 285 15.75 -20.63 6.23
N TRP B 286 16.20 -20.75 4.98
CA TRP B 286 17.42 -21.48 4.72
C TRP B 286 18.64 -20.69 5.16
N TYR B 287 18.53 -19.37 5.22
CA TYR B 287 19.55 -18.51 5.79
C TYR B 287 19.47 -18.45 7.31
N SER B 288 18.41 -19.00 7.90
CA SER B 288 18.25 -18.95 9.35
C SER B 288 19.41 -19.54 10.14
N PRO B 289 20.06 -20.65 9.74
CA PRO B 289 21.18 -21.16 10.54
C PRO B 289 22.23 -20.13 10.90
N LEU B 290 22.77 -19.42 9.90
CA LEU B 290 23.84 -18.47 10.16
C LEU B 290 23.33 -17.28 10.97
N GLY B 291 22.11 -16.83 10.70
CA GLY B 291 21.54 -15.73 11.46
C GLY B 291 21.38 -16.08 12.93
N ILE B 292 20.87 -17.28 13.22
CA ILE B 292 20.71 -17.71 14.60
C ILE B 292 22.07 -17.90 15.27
N ALA B 293 23.05 -18.42 14.52
CA ALA B 293 24.40 -18.56 15.06
C ALA B 293 24.96 -17.21 15.47
N CYS B 294 24.81 -16.20 14.62
CA CYS B 294 25.33 -14.88 14.94
C CYS B 294 24.54 -14.22 16.06
N LEU B 295 23.22 -14.44 16.13
CA LEU B 295 22.45 -13.93 17.26
C LEU B 295 22.93 -14.52 18.56
N ILE B 296 23.16 -15.84 18.59
CA ILE B 296 23.64 -16.48 19.81
C ILE B 296 25.03 -15.95 20.18
N CYS B 297 25.91 -15.83 19.19
CA CYS B 297 27.26 -15.34 19.46
C CYS B 297 27.29 -13.86 19.81
N GLY B 298 26.22 -13.12 19.52
CA GLY B 298 26.14 -11.73 19.92
C GLY B 298 25.44 -11.53 21.24
N LYS B 299 24.64 -12.52 21.67
CA LYS B 299 23.99 -12.42 22.96
C LYS B 299 24.83 -13.04 24.08
N ILE B 300 25.64 -14.04 23.75
CA ILE B 300 26.51 -14.63 24.77
C ILE B 300 27.54 -13.61 25.25
N ILE B 301 28.05 -12.80 24.33
CA ILE B 301 29.08 -11.82 24.70
C ILE B 301 28.49 -10.71 25.57
N ALA B 302 27.28 -10.27 25.25
CA ALA B 302 26.72 -9.04 25.81
C ALA B 302 25.74 -9.29 26.95
N ILE B 303 26.01 -10.29 27.79
CA ILE B 303 25.24 -10.50 29.01
C ILE B 303 26.17 -10.29 30.20
N LYS B 304 25.65 -9.64 31.22
CA LYS B 304 26.48 -9.27 32.37
C LYS B 304 27.02 -10.51 33.08
N ASP B 305 26.16 -11.51 33.29
CA ASP B 305 26.58 -12.76 33.92
C ASP B 305 25.62 -13.86 33.54
N LEU B 306 26.17 -15.03 33.21
CA LEU B 306 25.33 -16.17 32.85
C LEU B 306 24.58 -16.73 34.04
N GLU B 307 25.01 -16.41 35.27
CA GLU B 307 24.39 -16.96 36.46
C GLU B 307 22.93 -16.55 36.60
N VAL B 308 22.52 -15.45 35.96
CA VAL B 308 21.14 -15.00 36.06
C VAL B 308 20.39 -15.36 34.78
N VAL B 309 21.10 -15.36 33.65
CA VAL B 309 20.46 -15.70 32.38
C VAL B 309 20.06 -17.16 32.36
N ALA B 310 20.93 -18.04 32.87
CA ALA B 310 20.60 -19.46 32.94
C ALA B 310 19.39 -19.69 33.84
N ARG B 311 19.33 -19.00 34.97
CA ARG B 311 18.18 -19.13 35.86
C ARG B 311 16.92 -18.61 35.20
N GLN B 312 17.02 -17.50 34.46
CA GLN B 312 15.86 -16.98 33.75
C GLN B 312 15.34 -17.98 32.73
N LEU B 313 16.24 -18.59 31.96
CA LEU B 313 15.83 -19.59 30.98
C LEU B 313 15.24 -20.82 31.65
N GLY B 314 15.82 -21.25 32.77
CA GLY B 314 15.26 -22.38 33.50
C GLY B 314 13.86 -22.10 34.01
N MET B 315 13.65 -20.90 34.55
CA MET B 315 12.30 -20.54 35.01
C MET B 315 11.34 -20.39 33.84
N TYR B 316 11.83 -19.97 32.68
CA TYR B 316 10.97 -19.91 31.50
C TYR B 316 10.52 -21.30 31.06
N MET B 317 11.45 -22.25 31.05
CA MET B 317 11.09 -23.64 30.78
C MET B 317 10.10 -24.16 31.81
N VAL B 318 10.32 -23.83 33.08
CA VAL B 318 9.43 -24.29 34.14
C VAL B 318 8.03 -23.70 33.93
N THR B 319 7.94 -22.43 33.56
CA THR B 319 6.64 -21.81 33.32
C THR B 319 5.94 -22.47 32.14
N VAL B 320 6.66 -22.71 31.05
CA VAL B 320 6.03 -23.33 29.89
C VAL B 320 5.55 -24.73 30.21
N ILE B 321 6.37 -25.51 30.93
CA ILE B 321 5.99 -26.88 31.25
C ILE B 321 4.80 -26.91 32.22
N ILE B 322 4.79 -26.01 33.20
CA ILE B 322 3.66 -25.93 34.12
C ILE B 322 2.40 -25.55 33.38
N GLY B 323 2.49 -24.60 32.44
CA GLY B 323 1.34 -24.23 31.65
C GLY B 323 0.82 -25.38 30.82
N LEU B 324 1.72 -26.13 30.18
CA LEU B 324 1.30 -27.27 29.38
C LEU B 324 0.64 -28.34 30.25
N ILE B 325 1.19 -28.58 31.45
CA ILE B 325 0.60 -29.58 32.35
C ILE B 325 -0.79 -29.13 32.77
N ILE B 326 -0.94 -27.86 33.15
CA ILE B 326 -2.23 -27.36 33.61
C ILE B 326 -3.25 -27.41 32.49
N HIS B 327 -2.83 -27.12 31.26
CA HIS B 327 -3.77 -27.13 30.14
C HIS B 327 -4.16 -28.56 29.77
N GLY B 328 -3.18 -29.41 29.49
CA GLY B 328 -3.49 -30.75 29.02
C GLY B 328 -4.14 -31.64 30.07
N GLY B 329 -3.73 -31.50 31.33
CA GLY B 329 -4.16 -32.44 32.35
C GLY B 329 -5.32 -31.99 33.23
N ILE B 330 -5.59 -30.69 33.26
CA ILE B 330 -6.64 -30.14 34.12
C ILE B 330 -7.72 -29.43 33.32
N PHE B 331 -7.34 -28.65 32.31
CA PHE B 331 -8.33 -27.84 31.59
C PHE B 331 -9.09 -28.66 30.56
N LEU B 332 -8.37 -29.36 29.69
CA LEU B 332 -9.03 -30.20 28.68
C LEU B 332 -9.88 -31.31 29.31
N PRO B 333 -9.40 -32.06 30.32
CA PRO B 333 -10.31 -33.00 30.99
C PRO B 333 -11.50 -32.32 31.62
N LEU B 334 -11.32 -31.12 32.15
CA LEU B 334 -12.47 -30.40 32.72
C LEU B 334 -13.50 -30.06 31.64
N ILE B 335 -13.03 -29.67 30.45
CA ILE B 335 -13.95 -29.39 29.35
C ILE B 335 -14.68 -30.67 28.94
N TYR B 336 -13.95 -31.77 28.82
CA TYR B 336 -14.58 -33.04 28.44
C TYR B 336 -15.60 -33.48 29.49
N PHE B 337 -15.31 -33.21 30.77
CA PHE B 337 -16.23 -33.58 31.83
C PHE B 337 -17.47 -32.71 31.80
N VAL B 338 -17.30 -31.38 31.68
CA VAL B 338 -18.45 -30.49 31.76
C VAL B 338 -19.35 -30.64 30.54
N VAL B 339 -18.78 -30.89 29.35
CA VAL B 339 -19.59 -30.93 28.14
C VAL B 339 -20.08 -32.36 27.89
N THR B 340 -19.14 -33.29 27.69
CA THR B 340 -19.51 -34.66 27.34
C THR B 340 -20.02 -35.45 28.55
N ARG B 341 -19.47 -35.19 29.74
CA ARG B 341 -19.80 -35.94 30.96
C ARG B 341 -19.42 -37.41 30.84
N LYS B 342 -18.26 -37.66 30.25
CA LYS B 342 -17.65 -38.98 30.21
C LYS B 342 -16.28 -38.90 30.87
N ASN B 343 -15.87 -40.02 31.49
CA ASN B 343 -14.61 -40.08 32.22
C ASN B 343 -13.43 -39.74 31.34
N PRO B 344 -12.79 -38.58 31.54
CA PRO B 344 -11.65 -38.20 30.68
C PRO B 344 -10.44 -39.11 30.85
N PHE B 345 -10.29 -39.75 32.01
CA PHE B 345 -9.13 -40.61 32.22
C PHE B 345 -9.18 -41.84 31.31
N SER B 346 -10.38 -42.35 31.04
CA SER B 346 -10.53 -43.38 30.02
C SER B 346 -10.10 -42.85 28.66
N PHE B 347 -10.42 -41.58 28.37
CA PHE B 347 -10.00 -40.99 27.11
C PHE B 347 -8.47 -40.94 27.01
N PHE B 348 -7.79 -40.55 28.08
CA PHE B 348 -6.33 -40.59 28.07
C PHE B 348 -5.81 -42.01 27.92
N ALA B 349 -6.44 -42.98 28.58
CA ALA B 349 -6.03 -44.37 28.41
C ALA B 349 -6.15 -44.79 26.95
N GLY B 350 -7.18 -44.30 26.26
CA GLY B 350 -7.31 -44.59 24.85
C GLY B 350 -6.25 -43.92 23.99
N ILE B 351 -5.96 -42.65 24.28
CA ILE B 351 -5.10 -41.87 23.38
C ILE B 351 -3.66 -41.81 23.90
N PHE B 352 -3.32 -42.71 24.82
CA PHE B 352 -1.95 -42.76 25.33
C PHE B 352 -0.96 -43.06 24.21
N GLN B 353 -1.29 -44.01 23.32
CA GLN B 353 -0.41 -44.31 22.21
C GLN B 353 -0.23 -43.10 21.30
N ALA B 354 -1.31 -42.37 21.04
CA ALA B 354 -1.21 -41.17 20.21
C ALA B 354 -0.34 -40.12 20.90
N TRP B 355 -0.49 -39.96 22.22
CA TRP B 355 0.32 -38.99 22.94
C TRP B 355 1.80 -39.35 22.91
N ILE B 356 2.12 -40.63 23.09
CA ILE B 356 3.51 -41.06 23.03
C ILE B 356 4.09 -40.84 21.63
N THR B 357 3.31 -41.19 20.60
CA THR B 357 3.79 -40.97 19.24
C THR B 357 3.96 -39.50 18.92
N ALA B 358 3.10 -38.64 19.47
CA ALA B 358 3.26 -37.20 19.30
C ALA B 358 4.53 -36.71 19.97
N LEU B 359 4.82 -37.20 21.18
CA LEU B 359 6.07 -36.84 21.84
C LEU B 359 7.28 -37.30 21.03
N GLY B 360 7.22 -38.52 20.48
CA GLY B 360 8.35 -39.02 19.71
C GLY B 360 8.55 -38.27 18.41
N THR B 361 7.48 -38.11 17.63
CA THR B 361 7.60 -37.49 16.31
C THR B 361 7.75 -35.98 16.38
N ALA B 362 7.19 -35.34 17.41
CA ALA B 362 7.20 -33.89 17.56
C ALA B 362 6.59 -33.21 16.34
N SER B 363 5.53 -33.82 15.80
CA SER B 363 4.82 -33.25 14.66
C SER B 363 3.40 -33.80 14.65
N SER B 364 2.41 -32.90 14.60
CA SER B 364 1.02 -33.34 14.59
C SER B 364 0.69 -34.07 13.29
N ALA B 365 1.19 -33.58 12.17
CA ALA B 365 0.88 -34.21 10.88
C ALA B 365 1.42 -35.64 10.82
N GLY B 366 2.64 -35.85 11.30
CA GLY B 366 3.21 -37.19 11.32
C GLY B 366 2.49 -38.12 12.27
N THR B 367 2.00 -37.60 13.39
CA THR B 367 1.29 -38.39 14.38
C THR B 367 -0.16 -38.64 13.97
N LEU B 368 -0.66 -37.90 12.99
CA LEU B 368 -2.08 -37.99 12.60
C LEU B 368 -2.56 -39.41 12.32
N PRO B 369 -1.85 -40.27 11.58
CA PRO B 369 -2.35 -41.65 11.41
C PRO B 369 -2.51 -42.39 12.73
N VAL B 370 -1.60 -42.18 13.67
CA VAL B 370 -1.68 -42.88 14.95
C VAL B 370 -2.90 -42.44 15.73
N THR B 371 -3.19 -41.14 15.76
CA THR B 371 -4.36 -40.68 16.49
C THR B 371 -5.65 -41.06 15.78
N PHE B 372 -5.64 -41.11 14.44
CA PHE B 372 -6.76 -41.69 13.71
C PHE B 372 -7.05 -43.10 14.18
N ARG B 373 -6.01 -43.95 14.18
CA ARG B 373 -6.19 -45.34 14.57
C ARG B 373 -6.67 -45.44 16.01
N CYS B 374 -6.07 -44.66 16.92
CA CYS B 374 -6.45 -44.73 18.32
C CYS B 374 -7.90 -44.32 18.52
N LEU B 375 -8.29 -43.14 18.02
CA LEU B 375 -9.64 -42.67 18.23
C LEU B 375 -10.68 -43.51 17.50
N GLU B 376 -10.29 -44.22 16.45
CA GLU B 376 -11.27 -45.02 15.72
C GLU B 376 -11.45 -46.39 16.36
N GLU B 377 -10.35 -47.13 16.57
CA GLU B 377 -10.45 -48.50 17.04
C GLU B 377 -10.47 -48.62 18.56
N ASN B 378 -10.19 -47.55 19.31
CA ASN B 378 -10.18 -47.62 20.76
C ASN B 378 -11.39 -46.92 21.38
N LEU B 379 -11.59 -45.64 21.05
CA LEU B 379 -12.73 -44.90 21.60
C LEU B 379 -14.02 -45.18 20.85
N GLY B 380 -13.93 -45.60 19.59
CA GLY B 380 -15.12 -45.97 18.85
C GLY B 380 -16.01 -44.81 18.45
N ILE B 381 -15.45 -43.60 18.33
CA ILE B 381 -16.22 -42.44 17.90
C ILE B 381 -16.54 -42.60 16.42
N ASP B 382 -17.45 -41.78 15.91
CA ASP B 382 -17.88 -41.91 14.52
C ASP B 382 -16.72 -41.64 13.57
N LYS B 383 -16.78 -42.29 12.40
CA LYS B 383 -15.73 -42.10 11.41
C LYS B 383 -15.77 -40.69 10.83
N ARG B 384 -16.96 -40.15 10.61
CA ARG B 384 -17.08 -38.84 9.98
C ARG B 384 -16.52 -37.73 10.86
N VAL B 385 -16.85 -37.76 12.16
CA VAL B 385 -16.39 -36.72 13.06
C VAL B 385 -14.87 -36.72 13.17
N THR B 386 -14.26 -37.91 13.24
CA THR B 386 -12.81 -38.00 13.28
C THR B 386 -12.21 -37.52 11.96
N ARG B 387 -12.74 -38.02 10.84
CA ARG B 387 -12.19 -37.69 9.53
C ARG B 387 -12.27 -36.20 9.24
N PHE B 388 -13.21 -35.50 9.86
CA PHE B 388 -13.19 -34.05 9.70
C PHE B 388 -12.28 -33.36 10.72
N VAL B 389 -12.44 -33.69 12.01
CA VAL B 389 -11.79 -32.93 13.06
C VAL B 389 -10.28 -33.10 13.01
N LEU B 390 -9.80 -34.33 12.92
CA LEU B 390 -8.37 -34.56 13.05
C LEU B 390 -7.55 -33.88 11.96
N PRO B 391 -7.85 -34.03 10.67
CA PRO B 391 -7.01 -33.37 9.65
C PRO B 391 -6.99 -31.86 9.76
N VAL B 392 -8.07 -31.24 10.20
CA VAL B 392 -8.08 -29.79 10.34
C VAL B 392 -7.61 -29.36 11.72
N GLY B 393 -7.82 -30.19 12.75
CA GLY B 393 -7.32 -29.87 14.07
C GLY B 393 -5.82 -29.98 14.17
N ALA B 394 -5.21 -30.83 13.34
CA ALA B 394 -3.76 -30.97 13.35
C ALA B 394 -3.04 -29.75 12.80
N THR B 395 -3.76 -28.89 12.06
CA THR B 395 -3.15 -27.71 11.47
C THR B 395 -3.77 -26.40 11.94
N ILE B 396 -4.90 -26.43 12.64
CA ILE B 396 -5.56 -25.20 13.05
C ILE B 396 -5.65 -25.14 14.57
N ASN B 397 -5.74 -26.31 15.21
CA ASN B 397 -5.90 -26.38 16.66
C ASN B 397 -4.58 -26.82 17.28
N MET B 398 -3.75 -25.83 17.61
CA MET B 398 -2.54 -26.04 18.41
C MET B 398 -2.63 -25.16 19.64
N ASP B 399 -2.82 -25.78 20.80
CA ASP B 399 -2.98 -25.08 22.06
C ASP B 399 -1.64 -24.84 22.74
N GLY B 400 -0.80 -25.88 22.78
CA GLY B 400 0.50 -25.74 23.41
C GLY B 400 1.37 -24.71 22.74
N THR B 401 1.27 -24.59 21.41
CA THR B 401 2.05 -23.57 20.71
C THR B 401 1.58 -22.17 21.09
N ALA B 402 0.26 -21.99 21.25
CA ALA B 402 -0.25 -20.69 21.68
C ALA B 402 0.23 -20.34 23.07
N LEU B 403 0.16 -21.30 24.00
CA LEU B 403 0.64 -21.04 25.35
C LEU B 403 2.13 -20.75 25.36
N TYR B 404 2.90 -21.52 24.59
CA TYR B 404 4.34 -21.29 24.50
C TYR B 404 4.63 -19.89 23.97
N GLU B 405 3.94 -19.46 22.93
CA GLU B 405 4.23 -18.17 22.33
C GLU B 405 3.84 -17.03 23.25
N ALA B 406 2.70 -17.16 23.95
CA ALA B 406 2.32 -16.13 24.92
C ALA B 406 3.36 -16.02 26.03
N VAL B 407 3.75 -17.17 26.59
CA VAL B 407 4.74 -17.17 27.67
C VAL B 407 6.06 -16.59 27.20
N ALA B 408 6.48 -16.95 25.99
CA ALA B 408 7.76 -16.48 25.48
C ALA B 408 7.74 -14.98 25.21
N ALA B 409 6.66 -14.46 24.64
CA ALA B 409 6.58 -13.02 24.40
C ALA B 409 6.59 -12.24 25.71
N ILE B 410 5.81 -12.69 26.70
CA ILE B 410 5.81 -11.99 27.98
C ILE B 410 7.16 -12.15 28.68
N PHE B 411 7.83 -13.29 28.50
CA PHE B 411 9.13 -13.50 29.11
C PHE B 411 10.17 -12.58 28.50
N ILE B 412 10.12 -12.37 27.19
CA ILE B 412 11.03 -11.41 26.57
C ILE B 412 10.70 -9.99 27.02
N ALA B 413 9.41 -9.69 27.22
CA ALA B 413 9.04 -8.37 27.73
C ALA B 413 9.59 -8.14 29.13
N GLN B 414 9.49 -9.14 30.00
CA GLN B 414 9.95 -8.99 31.37
C GLN B 414 11.48 -8.95 31.44
N MET B 415 12.14 -9.83 30.68
CA MET B 415 13.59 -9.91 30.70
C MET B 415 14.25 -8.66 30.16
N ASN B 416 13.57 -7.90 29.30
CA ASN B 416 14.05 -6.62 28.82
C ASN B 416 13.71 -5.46 29.75
N GLY B 417 13.00 -5.74 30.85
CA GLY B 417 12.55 -4.70 31.74
C GLY B 417 11.32 -3.96 31.28
N VAL B 418 10.73 -4.35 30.16
CA VAL B 418 9.55 -3.68 29.62
C VAL B 418 8.32 -4.24 30.33
N VAL B 419 7.72 -3.43 31.20
CA VAL B 419 6.49 -3.82 31.87
C VAL B 419 5.31 -3.55 30.93
N LEU B 420 4.44 -4.54 30.77
CA LEU B 420 3.36 -4.49 29.80
C LEU B 420 2.06 -4.10 30.48
N ASP B 421 1.37 -3.11 29.92
CA ASP B 421 0.11 -2.63 30.46
C ASP B 421 -1.03 -3.56 30.05
N GLY B 422 -2.23 -3.24 30.52
CA GLY B 422 -3.38 -4.06 30.23
C GLY B 422 -3.90 -3.95 28.81
N GLY B 423 -3.35 -3.03 28.02
CA GLY B 423 -3.75 -2.90 26.63
C GLY B 423 -2.84 -3.68 25.70
N GLN B 424 -1.67 -4.08 26.20
CA GLN B 424 -0.74 -4.89 25.46
C GLN B 424 -0.74 -6.35 25.89
N ILE B 425 -1.15 -6.63 27.13
CA ILE B 425 -1.35 -8.01 27.55
C ILE B 425 -2.45 -8.68 26.73
N VAL B 426 -3.55 -7.97 26.49
CA VAL B 426 -4.59 -8.53 25.63
C VAL B 426 -4.09 -8.64 24.20
N THR B 427 -3.26 -7.69 23.75
CA THR B 427 -2.73 -7.75 22.39
C THR B 427 -1.89 -9.00 22.19
N VAL B 428 -1.01 -9.30 23.15
CA VAL B 428 -0.19 -10.50 23.03
C VAL B 428 -1.04 -11.76 23.23
N SER B 429 -2.04 -11.71 24.09
CA SER B 429 -2.90 -12.87 24.30
C SER B 429 -3.82 -13.15 23.11
N LEU B 430 -4.01 -12.19 22.22
CA LEU B 430 -4.74 -12.42 20.97
C LEU B 430 -3.82 -12.77 19.82
N THR B 431 -2.65 -12.14 19.74
CA THR B 431 -1.71 -12.47 18.69
C THR B 431 -1.11 -13.86 18.91
N ALA B 432 -1.05 -14.33 20.15
CA ALA B 432 -0.64 -15.72 20.39
C ALA B 432 -1.61 -16.69 19.73
N THR B 433 -2.91 -16.44 19.85
CA THR B 433 -3.89 -17.28 19.18
C THR B 433 -3.76 -17.17 17.66
N LEU B 434 -3.75 -15.94 17.15
CA LEU B 434 -3.72 -15.75 15.69
C LEU B 434 -2.39 -16.14 15.07
N ALA B 435 -1.35 -16.38 15.86
CA ALA B 435 -0.09 -16.88 15.34
C ALA B 435 0.13 -18.35 15.67
N SER B 436 -0.65 -18.94 16.57
CA SER B 436 -0.69 -20.38 16.69
C SER B 436 -1.60 -21.02 15.67
N VAL B 437 -2.58 -20.28 15.16
CA VAL B 437 -3.37 -20.78 14.04
C VAL B 437 -2.49 -20.97 12.81
N GLY B 438 -1.61 -20.01 12.54
CA GLY B 438 -0.76 -20.06 11.36
C GLY B 438 0.66 -20.54 11.59
N ALA B 439 0.90 -21.25 12.70
CA ALA B 439 2.24 -21.76 12.98
C ALA B 439 2.51 -23.11 12.35
N ALA B 440 1.48 -23.77 11.81
CA ALA B 440 1.66 -24.94 10.97
C ALA B 440 0.88 -24.89 9.67
N SER B 441 -0.11 -24.00 9.56
CA SER B 441 -0.73 -23.75 8.26
C SER B 441 0.25 -23.11 7.29
N ILE B 442 1.33 -22.52 7.80
CA ILE B 442 2.37 -21.94 6.97
C ILE B 442 3.69 -22.62 7.36
N PRO B 443 4.24 -23.48 6.51
CA PRO B 443 5.47 -24.20 6.89
C PRO B 443 6.63 -23.25 7.16
N SER B 444 7.44 -23.63 8.15
CA SER B 444 8.66 -22.88 8.51
C SER B 444 8.35 -21.42 8.85
N ALA B 445 7.27 -21.20 9.60
CA ALA B 445 6.88 -19.84 9.97
C ALA B 445 6.79 -19.65 11.48
N GLY B 446 7.47 -20.48 12.26
CA GLY B 446 7.48 -20.29 13.70
C GLY B 446 8.19 -19.01 14.10
N LEU B 447 9.36 -18.75 13.50
CA LEU B 447 10.09 -17.54 13.78
C LEU B 447 9.30 -16.31 13.35
N VAL B 448 8.63 -16.39 12.21
CA VAL B 448 7.83 -15.27 11.73
C VAL B 448 6.68 -14.98 12.68
N THR B 449 6.05 -16.03 13.20
CA THR B 449 4.95 -15.83 14.15
C THR B 449 5.45 -15.25 15.46
N MET B 450 6.61 -15.72 15.94
CA MET B 450 7.18 -15.14 17.15
C MET B 450 7.50 -13.66 16.96
N LEU B 451 8.03 -13.30 15.79
CA LEU B 451 8.30 -11.90 15.53
C LEU B 451 7.01 -11.10 15.38
N LEU B 452 5.95 -11.72 14.84
CA LEU B 452 4.66 -11.05 14.79
C LEU B 452 4.16 -10.71 16.19
N ILE B 453 4.28 -11.65 17.12
CA ILE B 453 3.85 -11.39 18.49
C ILE B 453 4.74 -10.34 19.15
N LEU B 454 6.05 -10.42 18.92
CA LEU B 454 6.97 -9.47 19.54
C LEU B 454 6.87 -8.06 18.96
N THR B 455 6.38 -7.92 17.73
CA THR B 455 6.18 -6.61 17.14
C THR B 455 4.76 -6.10 17.28
N ALA B 456 3.82 -6.96 17.68
CA ALA B 456 2.48 -6.48 17.99
C ALA B 456 2.43 -5.74 19.32
N VAL B 457 3.42 -5.93 20.19
CA VAL B 457 3.48 -5.28 21.48
C VAL B 457 4.71 -4.37 21.60
N GLY B 458 5.35 -4.05 20.48
CA GLY B 458 6.44 -3.09 20.48
C GLY B 458 7.64 -3.49 21.31
N LEU B 459 8.12 -4.72 21.15
CA LEU B 459 9.25 -5.23 21.91
C LEU B 459 10.50 -5.30 21.05
N PRO B 460 11.69 -5.25 21.66
CA PRO B 460 12.93 -5.42 20.89
C PRO B 460 13.09 -6.87 20.47
N THR B 461 13.13 -7.10 19.16
CA THR B 461 13.15 -8.46 18.61
C THR B 461 14.56 -8.97 18.39
N GLU B 462 15.39 -8.94 19.45
CA GLU B 462 16.72 -9.50 19.38
C GLU B 462 16.96 -10.62 20.39
N ASP B 463 16.02 -10.87 21.29
CA ASP B 463 16.17 -11.89 22.32
C ASP B 463 15.61 -13.24 21.89
N ILE B 464 15.17 -13.38 20.64
CA ILE B 464 14.70 -14.66 20.14
C ILE B 464 15.79 -15.72 20.22
N SER B 465 17.06 -15.28 20.21
CA SER B 465 18.17 -16.23 20.26
C SER B 465 18.13 -17.09 21.50
N LEU B 466 17.81 -16.49 22.65
CA LEU B 466 17.71 -17.27 23.89
C LEU B 466 16.60 -18.30 23.81
N LEU B 467 15.48 -17.94 23.18
CA LEU B 467 14.41 -18.91 22.97
C LEU B 467 14.87 -20.06 22.08
N VAL B 468 15.54 -19.74 20.98
CA VAL B 468 15.96 -20.78 20.04
C VAL B 468 17.02 -21.68 20.65
N ALA B 469 17.85 -21.13 21.55
CA ALA B 469 18.87 -21.94 22.19
C ALA B 469 18.27 -23.03 23.07
N VAL B 470 17.00 -22.88 23.45
CA VAL B 470 16.34 -23.83 24.34
C VAL B 470 15.11 -24.47 23.69
N ASP B 471 14.67 -23.97 22.54
CA ASP B 471 13.46 -24.47 21.89
C ASP B 471 13.74 -25.78 21.14
N TRP B 472 14.25 -26.75 21.88
CA TRP B 472 14.39 -28.12 21.40
C TRP B 472 13.82 -29.15 22.35
N LEU B 473 13.69 -28.84 23.63
CA LEU B 473 13.04 -29.73 24.59
C LEU B 473 11.55 -29.45 24.71
N LEU B 474 11.14 -28.18 24.57
CA LEU B 474 9.73 -27.82 24.71
C LEU B 474 8.90 -28.22 23.51
N ASP B 475 9.51 -28.43 22.35
CA ASP B 475 8.76 -28.69 21.13
C ASP B 475 7.96 -29.99 21.25
N ARG B 476 8.57 -31.03 21.79
CA ARG B 476 7.89 -32.32 21.90
C ARG B 476 6.69 -32.22 22.83
N MET B 477 6.85 -31.55 23.97
CA MET B 477 5.74 -31.42 24.91
C MET B 477 4.62 -30.56 24.33
N ARG B 478 4.96 -29.44 23.69
CA ARG B 478 3.93 -28.58 23.11
C ARG B 478 3.29 -29.19 21.87
N THR B 479 3.93 -30.20 21.26
CA THR B 479 3.25 -30.94 20.20
C THR B 479 2.32 -32.01 20.78
N SER B 480 2.75 -32.65 21.87
CA SER B 480 1.89 -33.61 22.54
C SER B 480 0.62 -32.94 23.05
N VAL B 481 0.75 -31.72 23.56
CA VAL B 481 -0.43 -30.99 24.04
C VAL B 481 -1.38 -30.68 22.90
N ASN B 482 -0.83 -30.30 21.73
CA ASN B 482 -1.68 -30.06 20.57
C ASN B 482 -2.43 -31.32 20.15
N VAL B 483 -1.73 -32.46 20.13
CA VAL B 483 -2.37 -33.71 19.73
C VAL B 483 -3.47 -34.09 20.73
N VAL B 484 -3.20 -33.91 22.02
CA VAL B 484 -4.22 -34.20 23.04
C VAL B 484 -5.42 -33.28 22.86
N GLY B 485 -5.17 -32.00 22.56
CA GLY B 485 -6.27 -31.08 22.31
C GLY B 485 -7.12 -31.48 21.12
N ASP B 486 -6.47 -31.95 20.04
CA ASP B 486 -7.21 -32.42 18.89
C ASP B 486 -8.05 -33.65 19.22
N SER B 487 -7.49 -34.56 20.01
CA SER B 487 -8.24 -35.76 20.40
C SER B 487 -9.47 -35.39 21.21
N PHE B 488 -9.31 -34.50 22.18
CA PHE B 488 -10.46 -34.07 22.98
C PHE B 488 -11.45 -33.28 22.15
N GLY B 489 -10.98 -32.54 21.15
CA GLY B 489 -11.90 -31.87 20.25
C GLY B 489 -12.74 -32.86 19.45
N ALA B 490 -12.11 -33.93 18.96
CA ALA B 490 -12.86 -34.96 18.27
C ALA B 490 -13.90 -35.59 19.20
N GLY B 491 -13.50 -35.89 20.43
CA GLY B 491 -14.46 -36.45 21.38
C GLY B 491 -15.63 -35.52 21.64
N ILE B 492 -15.33 -34.24 21.87
CA ILE B 492 -16.39 -33.27 22.18
C ILE B 492 -17.34 -33.14 21.00
N VAL B 493 -16.79 -33.00 19.79
CA VAL B 493 -17.63 -32.81 18.61
C VAL B 493 -18.48 -34.05 18.35
N TYR B 494 -17.92 -35.24 18.58
CA TYR B 494 -18.73 -36.45 18.41
C TYR B 494 -19.86 -36.49 19.43
N HIS B 495 -19.58 -36.14 20.68
CA HIS B 495 -20.61 -36.21 21.70
C HIS B 495 -21.68 -35.13 21.54
N LEU B 496 -21.38 -34.06 20.82
CA LEU B 496 -22.35 -33.00 20.56
C LEU B 496 -23.09 -33.17 19.25
N SER B 497 -22.81 -34.23 18.49
CA SER B 497 -23.48 -34.46 17.23
C SER B 497 -23.89 -35.92 17.04
N LYS B 498 -23.91 -36.72 18.11
CA LYS B 498 -24.25 -38.12 17.98
C LYS B 498 -25.68 -38.31 17.49
N SER B 499 -26.61 -37.48 17.97
CA SER B 499 -28.01 -37.61 17.56
C SER B 499 -28.17 -37.32 16.08
N GLU B 500 -27.54 -36.25 15.59
CA GLU B 500 -27.66 -35.91 14.17
C GLU B 500 -27.06 -36.99 13.28
N LEU B 501 -25.87 -37.48 13.65
CA LEU B 501 -25.24 -38.54 12.86
C LEU B 501 -26.08 -39.82 12.87
N ASP B 502 -26.65 -40.16 14.03
CA ASP B 502 -27.52 -41.33 14.11
C ASP B 502 -28.75 -41.17 13.22
N THR B 503 -29.36 -39.98 13.24
CA THR B 503 -30.54 -39.74 12.40
C THR B 503 -30.19 -39.84 10.92
N ILE B 504 -29.04 -39.29 10.53
CA ILE B 504 -28.63 -39.37 9.12
C ILE B 504 -28.36 -40.82 8.74
N ASP B 505 -27.68 -41.57 9.61
CA ASP B 505 -27.36 -42.96 9.28
C ASP B 505 -28.60 -43.84 9.26
N SER B 506 -29.63 -43.48 10.03
CA SER B 506 -30.84 -44.30 10.07
C SER B 506 -31.52 -44.33 8.71
N GLN B 507 -31.54 -43.21 8.00
CA GLN B 507 -32.16 -43.15 6.68
C GLN B 507 -31.29 -43.82 5.64
N ARG C 36 -50.18 -2.50 13.44
CA ARG C 36 -50.08 -1.50 12.39
C ARG C 36 -48.77 -0.73 12.48
N LEU C 37 -48.15 -0.77 13.66
CA LEU C 37 -46.89 -0.06 13.86
C LEU C 37 -45.72 -0.78 13.22
N CYS C 38 -45.75 -2.12 13.21
CA CYS C 38 -44.65 -2.88 12.61
C CYS C 38 -44.64 -2.71 11.09
N ASP C 39 -45.79 -2.49 10.47
CA ASP C 39 -45.84 -2.25 9.04
C ASP C 39 -45.15 -0.94 8.65
N LYS C 40 -44.98 -0.02 9.59
CA LYS C 40 -44.28 1.23 9.34
C LYS C 40 -42.83 1.19 9.80
N LEU C 41 -42.58 0.76 11.04
CA LEU C 41 -41.23 0.74 11.56
C LEU C 41 -40.40 -0.39 10.97
N GLY C 42 -41.02 -1.57 10.80
CA GLY C 42 -40.26 -2.74 10.39
C GLY C 42 -39.68 -2.63 8.99
N LYS C 43 -40.39 -1.97 8.07
CA LYS C 43 -39.93 -1.90 6.69
C LYS C 43 -38.65 -1.09 6.57
N ASN C 44 -38.54 -0.01 7.33
CA ASN C 44 -37.39 0.90 7.31
C ASN C 44 -36.49 0.69 8.53
N LEU C 45 -36.24 -0.58 8.88
CA LEU C 45 -35.66 -0.93 10.18
C LEU C 45 -34.39 -0.13 10.48
N LEU C 46 -33.53 0.09 9.48
CA LEU C 46 -32.34 0.89 9.73
C LEU C 46 -32.69 2.34 10.02
N LEU C 47 -33.62 2.92 9.26
CA LEU C 47 -34.01 4.30 9.50
C LEU C 47 -34.66 4.47 10.86
N THR C 48 -35.59 3.59 11.21
CA THR C 48 -36.23 3.69 12.52
C THR C 48 -35.23 3.43 13.65
N LEU C 49 -34.27 2.53 13.44
CA LEU C 49 -33.23 2.31 14.44
C LEU C 49 -32.41 3.57 14.65
N THR C 50 -32.03 4.23 13.56
CA THR C 50 -31.24 5.46 13.68
C THR C 50 -32.05 6.56 14.36
N VAL C 51 -33.33 6.69 14.03
CA VAL C 51 -34.16 7.72 14.66
C VAL C 51 -34.31 7.45 16.15
N PHE C 52 -34.58 6.20 16.51
CA PHE C 52 -34.70 5.86 17.93
C PHE C 52 -33.39 6.09 18.66
N GLY C 53 -32.26 5.76 18.02
CA GLY C 53 -30.98 6.02 18.63
C GLY C 53 -30.74 7.50 18.86
N VAL C 54 -31.09 8.33 17.88
CA VAL C 54 -30.91 9.77 18.03
C VAL C 54 -31.76 10.30 19.17
N ILE C 55 -33.02 9.88 19.23
CA ILE C 55 -33.92 10.34 20.30
C ILE C 55 -33.39 9.90 21.67
N LEU C 56 -32.97 8.64 21.78
CA LEU C 56 -32.46 8.14 23.04
C LEU C 56 -31.20 8.87 23.46
N GLY C 57 -30.28 9.10 22.52
CA GLY C 57 -29.07 9.83 22.84
C GLY C 57 -29.36 11.25 23.27
N ALA C 58 -30.29 11.92 22.59
CA ALA C 58 -30.62 13.28 22.96
C ALA C 58 -31.24 13.36 24.34
N VAL C 59 -32.17 12.45 24.66
CA VAL C 59 -32.83 12.51 25.97
C VAL C 59 -31.84 12.14 27.07
N CYS C 60 -30.97 11.17 26.83
CA CYS C 60 -29.96 10.83 27.82
C CYS C 60 -28.97 11.97 28.02
N GLY C 61 -28.60 12.65 26.94
CA GLY C 61 -27.74 13.81 27.07
C GLY C 61 -28.39 14.93 27.85
N GLY C 62 -29.68 15.16 27.61
CA GLY C 62 -30.39 16.16 28.40
C GLY C 62 -30.45 15.80 29.87
N LEU C 63 -30.74 14.54 30.18
CA LEU C 63 -30.80 14.10 31.58
C LEU C 63 -29.43 14.27 32.25
N LEU C 64 -28.36 13.89 31.56
CA LEU C 64 -27.03 14.06 32.13
C LEU C 64 -26.64 15.53 32.24
N ARG C 65 -27.15 16.37 31.34
CA ARG C 65 -26.95 17.81 31.47
C ARG C 65 -27.65 18.36 32.70
N LEU C 66 -28.82 17.80 33.03
CA LEU C 66 -29.50 18.19 34.27
C LEU C 66 -28.70 17.82 35.51
N ALA C 67 -27.70 16.95 35.37
CA ALA C 67 -26.83 16.59 36.48
C ALA C 67 -25.66 17.57 36.57
N SER C 68 -24.77 17.33 37.53
CA SER C 68 -23.62 18.18 37.74
C SER C 68 -22.64 18.06 36.57
N PRO C 69 -21.75 19.04 36.39
CA PRO C 69 -20.71 18.92 35.36
C PRO C 69 -19.93 17.62 35.49
N ILE C 70 -20.04 16.77 34.48
CA ILE C 70 -19.52 15.41 34.57
C ILE C 70 -18.01 15.41 34.33
N HIS C 71 -17.34 14.42 34.93
CA HIS C 71 -15.92 14.22 34.69
C HIS C 71 -15.67 14.03 33.20
N PRO C 72 -14.73 14.77 32.60
CA PRO C 72 -14.50 14.62 31.16
C PRO C 72 -14.12 13.21 30.74
N ASP C 73 -13.53 12.41 31.63
CA ASP C 73 -13.30 11.01 31.31
C ASP C 73 -14.60 10.24 31.19
N VAL C 74 -15.60 10.57 32.01
CA VAL C 74 -16.89 9.92 31.86
C VAL C 74 -17.53 10.30 30.52
N VAL C 75 -17.32 11.54 30.07
CA VAL C 75 -17.80 11.92 28.75
C VAL C 75 -17.05 11.16 27.66
N MET C 76 -15.73 10.96 27.84
CA MET C 76 -14.95 10.21 26.88
C MET C 76 -15.46 8.78 26.77
N LEU C 77 -15.77 8.15 27.90
CA LEU C 77 -16.38 6.82 27.85
C LEU C 77 -17.76 6.86 27.21
N ILE C 78 -18.55 7.91 27.49
CA ILE C 78 -19.89 7.98 26.92
C ILE C 78 -19.83 8.15 25.41
N ALA C 79 -18.98 9.04 24.92
CA ALA C 79 -18.87 9.33 23.50
C ALA C 79 -17.92 8.41 22.77
N PHE C 80 -17.63 7.23 23.33
CA PHE C 80 -16.65 6.34 22.73
C PHE C 80 -17.20 5.55 21.55
N PRO C 81 -18.39 4.95 21.62
CA PRO C 81 -18.93 4.25 20.45
C PRO C 81 -19.06 5.13 19.21
N GLY C 82 -19.33 6.43 19.38
CA GLY C 82 -19.31 7.34 18.27
C GLY C 82 -17.93 7.46 17.67
N ASP C 83 -16.92 7.49 18.55
CA ASP C 83 -15.54 7.50 18.07
C ASP C 83 -15.24 6.24 17.28
N ILE C 84 -15.73 5.09 17.75
CA ILE C 84 -15.50 3.84 17.04
C ILE C 84 -16.16 3.87 15.67
N LEU C 85 -17.40 4.39 15.59
CA LEU C 85 -18.06 4.48 14.30
C LEU C 85 -17.29 5.38 13.34
N MET C 86 -16.85 6.54 13.82
CA MET C 86 -16.09 7.44 12.96
C MET C 86 -14.77 6.81 12.52
N ARG C 87 -14.14 6.04 13.41
CA ARG C 87 -12.90 5.38 13.03
C ARG C 87 -13.14 4.30 11.98
N MET C 88 -14.22 3.53 12.11
CA MET C 88 -14.56 2.54 11.09
C MET C 88 -14.77 3.21 9.73
N LEU C 89 -15.60 4.26 9.70
CA LEU C 89 -15.91 4.90 8.43
C LEU C 89 -14.67 5.56 7.83
N LYS C 90 -13.84 6.20 8.65
CA LYS C 90 -12.63 6.80 8.12
C LYS C 90 -11.60 5.75 7.71
N MET C 91 -11.69 4.54 8.26
CA MET C 91 -10.89 3.43 7.75
C MET C 91 -11.34 3.03 6.36
N LEU C 92 -12.65 3.06 6.12
CA LEU C 92 -13.18 2.65 4.82
C LEU C 92 -13.16 3.76 3.77
N ILE C 93 -12.91 5.01 4.15
CA ILE C 93 -12.87 6.05 3.12
C ILE C 93 -11.69 5.87 2.16
N LEU C 94 -10.66 5.13 2.53
CA LEU C 94 -9.52 4.97 1.62
C LEU C 94 -9.84 3.97 0.50
N PRO C 95 -10.23 2.72 0.80
CA PRO C 95 -10.51 1.79 -0.30
C PRO C 95 -11.64 2.25 -1.19
N LEU C 96 -12.59 3.01 -0.65
CA LEU C 96 -13.67 3.53 -1.49
C LEU C 96 -13.13 4.46 -2.57
N ILE C 97 -12.25 5.40 -2.23
CA ILE C 97 -11.74 6.26 -3.28
C ILE C 97 -10.70 5.55 -4.14
N ILE C 98 -10.06 4.51 -3.62
CA ILE C 98 -9.13 3.74 -4.44
C ILE C 98 -9.89 2.96 -5.51
N SER C 99 -11.06 2.43 -5.17
CA SER C 99 -11.72 1.44 -6.00
C SER C 99 -12.94 1.96 -6.75
N SER C 100 -13.77 2.79 -6.12
CA SER C 100 -14.97 3.29 -6.78
C SER C 100 -14.63 4.19 -7.96
N LEU C 101 -13.59 5.01 -7.82
CA LEU C 101 -13.16 5.84 -8.95
C LEU C 101 -12.75 4.97 -10.13
N ILE C 102 -11.97 3.93 -9.86
CA ILE C 102 -11.53 3.03 -10.91
C ILE C 102 -12.72 2.34 -11.56
N THR C 103 -13.62 1.79 -10.74
CA THR C 103 -14.77 1.07 -11.26
C THR C 103 -15.68 1.98 -12.07
N GLY C 104 -15.87 3.22 -11.62
CA GLY C 104 -16.76 4.12 -12.33
C GLY C 104 -16.16 4.61 -13.64
N LEU C 105 -14.96 5.21 -13.57
CA LEU C 105 -14.35 5.76 -14.77
C LEU C 105 -14.08 4.67 -15.81
N SER C 106 -13.56 3.51 -15.37
CA SER C 106 -13.25 2.45 -16.32
C SER C 106 -14.50 1.70 -16.76
N GLY C 107 -15.20 1.08 -15.81
CA GLY C 107 -16.33 0.23 -16.14
C GLY C 107 -17.56 0.96 -16.64
N LEU C 108 -18.13 1.83 -15.81
CA LEU C 108 -19.43 2.42 -16.13
C LEU C 108 -19.37 3.26 -17.41
N ASP C 109 -18.32 4.07 -17.55
CA ASP C 109 -18.22 4.98 -18.69
C ASP C 109 -18.03 4.18 -19.97
N ALA C 110 -19.10 4.07 -20.76
CA ALA C 110 -19.08 3.45 -22.08
C ALA C 110 -19.64 4.44 -23.07
N LYS C 111 -18.87 4.76 -24.11
CA LYS C 111 -19.26 5.77 -25.09
C LYS C 111 -20.14 5.20 -26.20
N ALA C 112 -20.72 4.02 -26.00
CA ALA C 112 -21.68 3.49 -26.96
C ALA C 112 -22.91 4.38 -27.09
N SER C 113 -23.18 5.23 -26.09
CA SER C 113 -24.26 6.20 -26.18
C SER C 113 -23.94 7.33 -27.14
N GLY C 114 -22.69 7.46 -27.60
CA GLY C 114 -22.36 8.48 -28.56
C GLY C 114 -22.32 9.88 -27.95
N ARG C 115 -22.37 10.87 -28.84
CA ARG C 115 -22.28 12.27 -28.43
C ARG C 115 -23.31 12.61 -27.37
N LEU C 116 -24.53 12.08 -27.52
CA LEU C 116 -25.58 12.35 -26.55
C LEU C 116 -25.12 12.04 -25.14
N GLY C 117 -24.45 10.90 -24.96
CA GLY C 117 -23.94 10.56 -23.64
C GLY C 117 -23.02 11.64 -23.09
N THR C 118 -22.08 12.09 -23.91
CA THR C 118 -21.22 13.20 -23.49
C THR C 118 -22.04 14.43 -23.20
N ARG C 119 -23.05 14.72 -24.04
CA ARG C 119 -23.90 15.88 -23.82
C ARG C 119 -24.60 15.80 -22.47
N ALA C 120 -24.74 14.60 -21.90
CA ALA C 120 -25.24 14.52 -20.54
C ALA C 120 -24.12 14.66 -19.53
N MET C 121 -23.01 13.95 -19.74
CA MET C 121 -21.96 13.90 -18.72
C MET C 121 -21.38 15.28 -18.45
N VAL C 122 -21.00 15.99 -19.51
CA VAL C 122 -20.45 17.33 -19.33
C VAL C 122 -21.46 18.24 -18.68
N TYR C 123 -22.76 17.95 -18.82
CA TYR C 123 -23.75 18.71 -18.08
C TYR C 123 -23.62 18.46 -16.58
N TYR C 124 -23.61 17.19 -16.18
CA TYR C 124 -23.64 16.83 -14.76
C TYR C 124 -22.47 17.46 -14.03
N MET C 125 -21.25 17.03 -14.39
CA MET C 125 -20.04 17.54 -13.75
C MET C 125 -19.91 19.05 -13.86
N SER C 126 -20.76 19.71 -14.65
CA SER C 126 -20.81 21.16 -14.65
C SER C 126 -21.80 21.66 -13.60
N THR C 127 -23.07 21.25 -13.72
CA THR C 127 -24.10 21.83 -12.87
C THR C 127 -23.86 21.48 -11.41
N THR C 128 -23.39 20.26 -11.13
CA THR C 128 -23.04 19.88 -9.77
C THR C 128 -22.04 20.87 -9.18
N ILE C 129 -21.02 21.22 -9.96
CA ILE C 129 -20.05 22.20 -9.48
C ILE C 129 -20.73 23.53 -9.22
N ILE C 130 -21.63 23.95 -10.12
CA ILE C 130 -22.38 25.19 -9.91
C ILE C 130 -23.12 25.12 -8.61
N ALA C 131 -23.59 23.94 -8.21
CA ALA C 131 -24.16 23.78 -6.88
C ALA C 131 -23.10 23.97 -5.81
N ALA C 132 -22.04 23.16 -5.87
CA ALA C 132 -21.08 23.09 -4.76
C ALA C 132 -20.50 24.46 -4.47
N VAL C 133 -19.95 25.11 -5.49
CA VAL C 133 -19.37 26.44 -5.30
C VAL C 133 -20.39 27.38 -4.69
N LEU C 134 -21.63 27.33 -5.20
CA LEU C 134 -22.67 28.19 -4.66
C LEU C 134 -22.80 28.01 -3.16
N GLY C 135 -22.88 26.75 -2.71
CA GLY C 135 -22.95 26.51 -1.29
C GLY C 135 -21.77 27.11 -0.56
N VAL C 136 -20.57 26.88 -1.08
CA VAL C 136 -19.36 27.40 -0.47
C VAL C 136 -19.41 28.91 -0.39
N ILE C 137 -20.06 29.57 -1.35
CA ILE C 137 -20.21 31.01 -1.26
C ILE C 137 -21.18 31.36 -0.14
N LEU C 138 -22.35 30.73 -0.12
CA LEU C 138 -23.39 31.14 0.81
C LEU C 138 -22.95 30.94 2.24
N VAL C 139 -22.38 29.78 2.54
CA VAL C 139 -21.89 29.50 3.88
C VAL C 139 -20.74 30.40 4.27
N LEU C 140 -20.01 30.96 3.30
CA LEU C 140 -18.98 31.93 3.60
C LEU C 140 -19.51 33.36 3.62
N ALA C 141 -20.76 33.57 3.20
CA ALA C 141 -21.40 34.87 3.32
C ALA C 141 -22.28 34.95 4.57
N ILE C 142 -22.94 33.85 4.92
CA ILE C 142 -23.81 33.83 6.08
C ILE C 142 -23.05 33.46 7.36
N HIS C 143 -22.02 32.62 7.24
CA HIS C 143 -21.22 32.08 8.34
C HIS C 143 -22.12 31.64 9.49
N PRO C 144 -22.88 30.56 9.32
CA PRO C 144 -23.84 30.16 10.36
C PRO C 144 -23.21 29.92 11.71
N GLY C 145 -22.02 29.31 11.75
CA GLY C 145 -21.38 28.95 12.99
C GLY C 145 -20.28 29.86 13.48
N ASN C 146 -19.91 30.87 12.70
CA ASN C 146 -18.77 31.71 13.07
C ASN C 146 -18.96 32.43 14.41
N PRO C 147 -20.10 33.07 14.71
CA PRO C 147 -20.21 33.76 16.01
C PRO C 147 -19.98 32.83 17.19
N LYS C 148 -20.48 31.60 17.13
CA LYS C 148 -20.30 30.57 18.15
C LYS C 148 -20.26 31.08 19.59
N VAL C 162 -0.74 32.20 6.56
CA VAL C 162 -0.15 31.88 5.27
C VAL C 162 -0.89 32.62 4.16
N SER C 163 -0.14 33.26 3.27
CA SER C 163 -0.75 34.01 2.18
C SER C 163 -1.55 33.10 1.26
N SER C 164 -2.53 33.68 0.58
CA SER C 164 -3.38 32.89 -0.31
C SER C 164 -2.61 32.35 -1.50
N LEU C 165 -1.53 33.04 -1.91
CA LEU C 165 -0.70 32.52 -3.00
C LEU C 165 -0.05 31.21 -2.61
N ASP C 166 0.58 31.17 -1.43
CA ASP C 166 1.16 29.93 -0.95
C ASP C 166 0.09 28.88 -0.70
N ALA C 167 -1.12 29.30 -0.30
CA ALA C 167 -2.20 28.34 -0.11
C ALA C 167 -2.59 27.67 -1.42
N PHE C 168 -2.69 28.44 -2.51
CA PHE C 168 -3.04 27.84 -3.78
C PHE C 168 -1.89 27.02 -4.35
N LEU C 169 -0.65 27.45 -4.12
CA LEU C 169 0.49 26.64 -4.54
C LEU C 169 0.51 25.32 -3.76
N ASP C 170 0.15 25.35 -2.48
CA ASP C 170 0.04 24.12 -1.69
C ASP C 170 -1.08 23.24 -2.21
N LEU C 171 -2.20 23.84 -2.63
CA LEU C 171 -3.27 23.06 -3.24
C LEU C 171 -2.77 22.32 -4.47
N ILE C 172 -2.05 23.04 -5.35
CA ILE C 172 -1.55 22.40 -6.57
C ILE C 172 -0.51 21.34 -6.24
N ARG C 173 0.32 21.58 -5.22
CA ARG C 173 1.35 20.62 -4.85
C ARG C 173 0.72 19.34 -4.31
N ASN C 174 -0.27 19.47 -3.42
CA ASN C 174 -0.97 18.30 -2.92
C ASN C 174 -1.85 17.65 -3.97
N LEU C 175 -2.13 18.34 -5.08
CA LEU C 175 -2.89 17.73 -6.15
C LEU C 175 -2.03 16.73 -6.93
N PHE C 176 -0.72 16.97 -7.02
CA PHE C 176 0.23 16.06 -7.65
C PHE C 176 1.14 15.54 -6.55
N PRO C 177 0.76 14.46 -5.86
CA PRO C 177 1.56 13.98 -4.73
C PRO C 177 2.81 13.27 -5.22
N GLU C 178 3.98 13.76 -4.81
CA GLU C 178 5.23 13.19 -5.27
C GLU C 178 5.43 11.76 -4.80
N ASN C 179 4.68 11.31 -3.80
CA ASN C 179 4.69 9.92 -3.36
C ASN C 179 3.26 9.46 -3.19
N LEU C 180 3.02 8.17 -3.46
CA LEU C 180 1.66 7.63 -3.41
C LEU C 180 1.36 6.88 -2.12
N VAL C 181 2.34 6.27 -1.49
CA VAL C 181 2.12 5.67 -0.19
C VAL C 181 2.14 6.72 0.92
N GLN C 182 2.84 7.83 0.69
CA GLN C 182 2.86 8.92 1.66
C GLN C 182 1.73 9.91 1.41
N ALA C 183 1.04 9.82 0.27
CA ALA C 183 -0.15 10.62 0.04
C ALA C 183 -1.39 10.02 0.69
N CYS C 184 -1.28 8.83 1.26
CA CYS C 184 -2.42 8.23 1.94
C CYS C 184 -2.64 8.82 3.33
N PHE C 185 -1.63 9.47 3.91
CA PHE C 185 -1.78 10.05 5.24
C PHE C 185 -1.07 11.39 5.45
N GLN C 186 -0.45 11.98 4.43
CA GLN C 186 0.34 13.18 4.64
C GLN C 186 0.23 14.15 3.48
N GLN C 187 -0.14 15.39 3.78
CA GLN C 187 -0.13 16.48 2.83
C GLN C 187 1.11 17.34 3.04
N ILE C 188 1.43 18.16 2.04
CA ILE C 188 2.55 19.09 2.10
C ILE C 188 2.02 20.47 2.39
N GLN C 189 2.63 21.14 3.37
CA GLN C 189 2.25 22.48 3.79
C GLN C 189 3.44 23.41 3.65
N THR C 190 3.20 24.57 3.04
CA THR C 190 4.22 25.61 2.93
C THR C 190 4.34 26.35 4.25
N VAL C 191 5.57 26.53 4.73
CA VAL C 191 5.84 27.26 5.95
C VAL C 191 6.90 28.31 5.68
N THR C 192 6.65 29.54 6.11
CA THR C 192 7.54 30.66 5.84
C THR C 192 8.74 30.70 6.77
N LYS C 193 8.79 29.86 7.80
CA LYS C 193 9.90 29.84 8.74
C LYS C 193 11.21 29.48 8.05
N VAL C 229 12.98 34.23 9.14
CA VAL C 229 11.65 33.71 8.90
C VAL C 229 11.15 34.13 7.53
N ILE C 230 12.06 34.15 6.55
CA ILE C 230 11.73 34.55 5.19
C ILE C 230 11.94 33.43 4.17
N LYS C 231 12.85 32.49 4.43
CA LYS C 231 13.12 31.40 3.49
C LYS C 231 11.98 30.40 3.56
N LYS C 232 11.10 30.42 2.57
CA LYS C 232 9.97 29.52 2.54
C LYS C 232 10.43 28.08 2.32
N GLY C 233 9.78 27.15 3.01
CA GLY C 233 10.05 25.73 2.84
C GLY C 233 8.75 24.96 2.82
N LEU C 234 8.88 23.65 2.57
CA LEU C 234 7.74 22.75 2.49
C LEU C 234 7.93 21.63 3.51
N GLU C 235 7.06 21.56 4.50
CA GLU C 235 7.08 20.44 5.42
C GLU C 235 5.88 19.54 5.15
N PHE C 236 5.83 18.42 5.87
CA PHE C 236 4.81 17.41 5.67
C PHE C 236 3.82 17.48 6.83
N LYS C 237 2.62 17.96 6.54
CA LYS C 237 1.55 17.99 7.52
C LYS C 237 1.07 16.57 7.78
N ASP C 238 0.10 16.43 8.68
CA ASP C 238 -0.54 15.15 8.94
C ASP C 238 -2.01 15.24 8.54
N GLY C 239 -2.49 14.20 7.89
CA GLY C 239 -3.85 14.18 7.36
C GLY C 239 -3.82 13.61 5.96
N MET C 240 -4.88 12.89 5.60
CA MET C 240 -4.94 12.23 4.32
C MET C 240 -4.94 13.24 3.18
N ASN C 241 -4.29 12.87 2.07
CA ASN C 241 -4.24 13.72 0.89
C ASN C 241 -5.29 13.20 -0.10
N VAL C 242 -6.52 13.62 0.11
CA VAL C 242 -7.64 13.12 -0.69
C VAL C 242 -7.49 13.56 -2.14
N LEU C 243 -7.11 14.82 -2.37
CA LEU C 243 -7.05 15.33 -3.74
C LEU C 243 -6.01 14.60 -4.57
N GLY C 244 -4.83 14.33 -4.01
CA GLY C 244 -3.81 13.64 -4.77
C GLY C 244 -4.21 12.24 -5.16
N LEU C 245 -4.78 11.49 -4.21
CA LEU C 245 -5.25 10.15 -4.51
C LEU C 245 -6.36 10.17 -5.54
N ILE C 246 -7.31 11.10 -5.40
CA ILE C 246 -8.41 11.18 -6.35
C ILE C 246 -7.89 11.48 -7.75
N GLY C 247 -6.95 12.43 -7.86
CA GLY C 247 -6.42 12.75 -9.17
C GLY C 247 -5.66 11.60 -9.79
N PHE C 248 -4.79 10.96 -9.01
CA PHE C 248 -4.00 9.86 -9.56
C PHE C 248 -4.90 8.71 -9.99
N PHE C 249 -5.93 8.39 -9.21
CA PHE C 249 -6.76 7.26 -9.58
C PHE C 249 -7.81 7.61 -10.62
N ILE C 250 -8.14 8.89 -10.79
CA ILE C 250 -8.87 9.30 -11.99
C ILE C 250 -8.03 9.05 -13.21
N ALA C 251 -6.74 9.41 -13.16
CA ALA C 251 -5.84 9.11 -14.28
C ALA C 251 -5.74 7.61 -14.51
N PHE C 252 -5.63 6.84 -13.42
CA PHE C 252 -5.51 5.39 -13.52
C PHE C 252 -6.75 4.78 -14.18
N GLY C 253 -7.93 5.19 -13.74
CA GLY C 253 -9.15 4.67 -14.33
C GLY C 253 -9.35 5.09 -15.78
N ILE C 254 -8.95 6.32 -16.10
CA ILE C 254 -9.06 6.78 -17.50
C ILE C 254 -8.14 5.97 -18.40
N ALA C 255 -6.89 5.73 -17.95
CA ALA C 255 -5.99 4.90 -18.73
C ALA C 255 -6.52 3.49 -18.89
N MET C 256 -7.06 2.91 -17.81
CA MET C 256 -7.63 1.57 -17.90
C MET C 256 -8.77 1.52 -18.89
N GLY C 257 -9.66 2.52 -18.85
CA GLY C 257 -10.73 2.57 -19.83
C GLY C 257 -10.21 2.70 -21.25
N LYS C 258 -9.09 3.41 -21.42
CA LYS C 258 -8.49 3.53 -22.75
C LYS C 258 -7.80 2.24 -23.19
N MET C 259 -7.46 1.33 -22.27
CA MET C 259 -6.95 0.05 -22.72
C MET C 259 -8.01 -0.88 -23.29
N GLY C 260 -9.28 -0.62 -23.01
CA GLY C 260 -10.35 -1.43 -23.57
C GLY C 260 -10.56 -2.75 -22.88
N ASP C 261 -10.35 -3.85 -23.60
CA ASP C 261 -10.60 -5.19 -23.08
C ASP C 261 -9.36 -5.88 -22.54
N GLN C 262 -8.16 -5.44 -22.94
CA GLN C 262 -6.95 -6.08 -22.46
C GLN C 262 -6.72 -5.87 -20.96
N ALA C 263 -7.44 -4.93 -20.34
CA ALA C 263 -7.32 -4.67 -18.90
C ALA C 263 -8.49 -5.24 -18.12
N LYS C 264 -9.25 -6.18 -18.71
CA LYS C 264 -10.42 -6.71 -18.05
C LYS C 264 -10.06 -7.48 -16.78
N LEU C 265 -8.91 -8.13 -16.77
CA LEU C 265 -8.53 -8.95 -15.62
C LEU C 265 -8.29 -8.12 -14.37
N MET C 266 -7.99 -6.83 -14.52
CA MET C 266 -7.89 -5.95 -13.36
C MET C 266 -9.12 -5.09 -13.15
N VAL C 267 -9.90 -4.84 -14.19
CA VAL C 267 -11.22 -4.24 -14.01
C VAL C 267 -12.07 -5.13 -13.12
N ASP C 268 -12.08 -6.43 -13.37
CA ASP C 268 -12.84 -7.36 -12.55
C ASP C 268 -12.30 -7.42 -11.13
N PHE C 269 -10.98 -7.37 -10.98
CA PHE C 269 -10.36 -7.38 -9.65
C PHE C 269 -10.82 -6.17 -8.83
N PHE C 270 -10.80 -4.98 -9.44
CA PHE C 270 -11.20 -3.79 -8.71
C PHE C 270 -12.71 -3.73 -8.51
N ASN C 271 -13.49 -4.31 -9.43
CA ASN C 271 -14.93 -4.42 -9.22
C ASN C 271 -15.25 -5.29 -8.02
N ILE C 272 -14.55 -6.43 -7.90
CA ILE C 272 -14.73 -7.30 -6.75
C ILE C 272 -14.34 -6.57 -5.47
N LEU C 273 -13.23 -5.83 -5.50
CA LEU C 273 -12.83 -5.06 -4.33
C LEU C 273 -13.89 -4.03 -3.97
N ASN C 274 -14.47 -3.37 -4.97
CA ASN C 274 -15.52 -2.39 -4.72
C ASN C 274 -16.73 -3.02 -4.07
N GLU C 275 -17.13 -4.19 -4.55
CA GLU C 275 -18.28 -4.85 -3.94
C GLU C 275 -17.99 -5.28 -2.51
N ILE C 276 -16.76 -5.74 -2.24
CA ILE C 276 -16.41 -6.08 -0.86
C ILE C 276 -16.48 -4.85 0.04
N VAL C 277 -15.94 -3.73 -0.44
CA VAL C 277 -15.92 -2.53 0.40
C VAL C 277 -17.33 -2.00 0.62
N MET C 278 -18.20 -2.11 -0.40
CA MET C 278 -19.59 -1.72 -0.21
C MET C 278 -20.29 -2.62 0.80
N LYS C 279 -20.00 -3.92 0.77
CA LYS C 279 -20.55 -4.81 1.78
C LYS C 279 -20.07 -4.43 3.18
N LEU C 280 -18.79 -4.05 3.29
CA LEU C 280 -18.27 -3.62 4.58
C LEU C 280 -18.93 -2.33 5.05
N VAL C 281 -19.19 -1.39 4.13
CA VAL C 281 -19.86 -0.15 4.49
C VAL C 281 -21.27 -0.43 4.99
N ILE C 282 -21.99 -1.31 4.30
CA ILE C 282 -23.33 -1.67 4.76
C ILE C 282 -23.28 -2.35 6.12
N MET C 283 -22.31 -3.25 6.30
CA MET C 283 -22.18 -3.97 7.58
C MET C 283 -21.86 -3.02 8.72
N ILE C 284 -20.99 -2.04 8.47
CA ILE C 284 -20.64 -1.07 9.51
C ILE C 284 -21.82 -0.16 9.81
N MET C 285 -22.54 0.28 8.77
CA MET C 285 -23.64 1.21 8.95
C MET C 285 -24.82 0.60 9.70
N TRP C 286 -24.84 -0.71 9.90
CA TRP C 286 -25.81 -1.30 10.80
C TRP C 286 -25.49 -0.99 12.25
N TYR C 287 -24.22 -0.73 12.56
CA TYR C 287 -23.79 -0.26 13.87
C TYR C 287 -24.00 1.23 14.05
N SER C 288 -24.38 1.94 12.99
CA SER C 288 -24.57 3.38 13.06
C SER C 288 -25.55 3.85 14.12
N PRO C 289 -26.69 3.17 14.39
CA PRO C 289 -27.58 3.66 15.44
C PRO C 289 -26.90 3.93 16.78
N LEU C 290 -26.18 2.94 17.32
CA LEU C 290 -25.54 3.12 18.62
C LEU C 290 -24.48 4.21 18.57
N GLY C 291 -23.69 4.24 17.50
CA GLY C 291 -22.65 5.24 17.38
C GLY C 291 -23.21 6.65 17.33
N ILE C 292 -24.27 6.85 16.57
CA ILE C 292 -24.89 8.17 16.47
C ILE C 292 -25.55 8.55 17.79
N ALA C 293 -26.16 7.58 18.47
CA ALA C 293 -26.76 7.86 19.78
C ALA C 293 -25.69 8.33 20.76
N CYS C 294 -24.54 7.65 20.78
CA CYS C 294 -23.49 8.03 21.71
C CYS C 294 -22.86 9.36 21.31
N LEU C 295 -22.74 9.63 20.01
CA LEU C 295 -22.25 10.94 19.57
C LEU C 295 -23.17 12.05 20.04
N ILE C 296 -24.48 11.88 19.87
CA ILE C 296 -25.42 12.89 20.31
C ILE C 296 -25.36 13.08 21.82
N CYS C 297 -25.29 11.97 22.56
CA CYS C 297 -25.26 12.06 24.01
C CYS C 297 -23.95 12.62 24.53
N GLY C 298 -22.87 12.55 23.75
CA GLY C 298 -21.61 13.13 24.16
C GLY C 298 -21.43 14.56 23.68
N LYS C 299 -22.23 14.96 22.68
CA LYS C 299 -22.20 16.34 22.23
C LYS C 299 -23.14 17.22 23.04
N ILE C 300 -24.29 16.67 23.47
CA ILE C 300 -25.23 17.44 24.27
C ILE C 300 -24.60 17.83 25.59
N ILE C 301 -23.88 16.91 26.23
CA ILE C 301 -23.29 17.18 27.54
C ILE C 301 -22.22 18.26 27.42
N ALA C 302 -21.39 18.22 26.39
CA ALA C 302 -20.15 18.98 26.33
C ALA C 302 -20.27 20.24 25.50
N ILE C 303 -21.41 20.93 25.56
CA ILE C 303 -21.56 22.24 24.94
C ILE C 303 -21.84 23.26 26.04
N LYS C 304 -21.45 24.51 25.77
CA LYS C 304 -21.54 25.55 26.78
C LYS C 304 -23.00 25.88 27.10
N ASP C 305 -23.76 26.28 26.08
CA ASP C 305 -25.17 26.59 26.24
C ASP C 305 -25.93 26.18 24.99
N LEU C 306 -27.12 25.62 25.19
CA LEU C 306 -27.92 25.13 24.07
C LEU C 306 -28.41 26.25 23.15
N GLU C 307 -28.47 27.49 23.65
CA GLU C 307 -29.03 28.57 22.84
C GLU C 307 -28.19 28.83 21.59
N VAL C 308 -26.88 29.00 21.76
CA VAL C 308 -26.04 29.34 20.62
C VAL C 308 -25.95 28.17 19.66
N VAL C 309 -25.94 26.94 20.18
CA VAL C 309 -25.87 25.77 19.31
C VAL C 309 -27.15 25.63 18.50
N ALA C 310 -28.30 25.86 19.14
CA ALA C 310 -29.57 25.81 18.42
C ALA C 310 -29.65 26.89 17.36
N ARG C 311 -29.17 28.10 17.68
CA ARG C 311 -29.16 29.16 16.68
C ARG C 311 -28.22 28.83 15.52
N GLN C 312 -27.07 28.23 15.83
CA GLN C 312 -26.14 27.84 14.78
C GLN C 312 -26.76 26.79 13.86
N LEU C 313 -27.43 25.79 14.44
CA LEU C 313 -28.07 24.77 13.62
C LEU C 313 -29.21 25.37 12.79
N GLY C 314 -29.99 26.27 13.38
CA GLY C 314 -31.03 26.94 12.62
C GLY C 314 -30.48 27.73 11.45
N MET C 315 -29.38 28.45 11.67
CA MET C 315 -28.78 29.22 10.59
C MET C 315 -28.17 28.31 9.53
N TYR C 316 -27.61 27.16 9.93
CA TYR C 316 -27.10 26.22 8.95
C TYR C 316 -28.22 25.66 8.09
N MET C 317 -29.34 25.29 8.71
CA MET C 317 -30.49 24.81 7.95
C MET C 317 -31.02 25.89 7.02
N VAL C 318 -31.06 27.14 7.49
CA VAL C 318 -31.51 28.24 6.65
C VAL C 318 -30.57 28.44 5.47
N THR C 319 -29.26 28.30 5.70
CA THR C 319 -28.29 28.44 4.62
C THR C 319 -28.50 27.36 3.58
N VAL C 320 -28.71 26.11 4.02
CA VAL C 320 -28.94 25.03 3.08
C VAL C 320 -30.22 25.27 2.29
N ILE C 321 -31.27 25.75 2.97
CA ILE C 321 -32.53 26.02 2.28
C ILE C 321 -32.35 27.11 1.24
N ILE C 322 -31.64 28.18 1.58
CA ILE C 322 -31.42 29.27 0.65
C ILE C 322 -30.60 28.78 -0.54
N GLY C 323 -29.58 27.96 -0.29
CA GLY C 323 -28.80 27.41 -1.38
C GLY C 323 -29.64 26.57 -2.32
N LEU C 324 -30.48 25.69 -1.76
CA LEU C 324 -31.33 24.86 -2.60
C LEU C 324 -32.31 25.69 -3.41
N ILE C 325 -32.88 26.72 -2.80
CA ILE C 325 -33.83 27.58 -3.52
C ILE C 325 -33.12 28.30 -4.66
N ILE C 326 -31.95 28.86 -4.38
CA ILE C 326 -31.22 29.61 -5.40
C ILE C 326 -30.78 28.69 -6.53
N HIS C 327 -30.41 27.45 -6.22
CA HIS C 327 -29.98 26.54 -7.26
C HIS C 327 -31.16 26.04 -8.09
N GLY C 328 -32.19 25.52 -7.44
CA GLY C 328 -33.30 24.95 -8.18
C GLY C 328 -34.13 25.97 -8.95
N GLY C 329 -34.35 27.14 -8.35
CA GLY C 329 -35.29 28.09 -8.91
C GLY C 329 -34.72 29.21 -9.74
N ILE C 330 -33.42 29.48 -9.60
CA ILE C 330 -32.77 30.59 -10.29
C ILE C 330 -31.66 30.12 -11.22
N PHE C 331 -30.84 29.17 -10.79
CA PHE C 331 -29.69 28.78 -11.60
C PHE C 331 -30.08 27.80 -12.70
N LEU C 332 -30.78 26.72 -12.35
CA LEU C 332 -31.20 25.76 -13.37
C LEU C 332 -32.14 26.37 -14.40
N PRO C 333 -33.16 27.14 -14.04
CA PRO C 333 -33.93 27.84 -15.10
C PRO C 333 -33.09 28.77 -15.93
N LEU C 334 -32.08 29.42 -15.33
CA LEU C 334 -31.20 30.29 -16.11
C LEU C 334 -30.42 29.48 -17.13
N ILE C 335 -29.94 28.30 -16.75
CA ILE C 335 -29.22 27.44 -17.68
C ILE C 335 -30.14 27.00 -18.80
N TYR C 336 -31.36 26.59 -18.46
CA TYR C 336 -32.32 26.18 -19.47
C TYR C 336 -32.65 27.31 -20.43
N PHE C 337 -32.73 28.54 -19.91
CA PHE C 337 -33.03 29.69 -20.76
C PHE C 337 -31.85 30.00 -21.66
N VAL C 338 -30.63 30.04 -21.10
CA VAL C 338 -29.48 30.45 -21.89
C VAL C 338 -29.12 29.41 -22.94
N VAL C 339 -29.37 28.13 -22.69
CA VAL C 339 -28.97 27.10 -23.63
C VAL C 339 -30.15 26.76 -24.55
N THR C 340 -31.24 26.27 -23.97
CA THR C 340 -32.38 25.82 -24.77
C THR C 340 -33.21 26.97 -25.32
N ARG C 341 -33.33 28.07 -24.55
CA ARG C 341 -34.16 29.22 -24.92
C ARG C 341 -35.63 28.84 -25.01
N LYS C 342 -36.08 27.99 -24.07
CA LYS C 342 -37.49 27.69 -23.89
C LYS C 342 -37.89 28.08 -22.48
N ASN C 343 -39.15 28.48 -22.32
CA ASN C 343 -39.67 28.96 -21.04
C ASN C 343 -39.51 27.92 -19.95
N PRO C 344 -38.61 28.13 -19.00
CA PRO C 344 -38.41 27.15 -17.92
C PRO C 344 -39.62 26.98 -17.01
N PHE C 345 -40.50 27.98 -16.93
CA PHE C 345 -41.67 27.87 -16.06
C PHE C 345 -42.64 26.83 -16.57
N SER C 346 -42.79 26.71 -17.89
CA SER C 346 -43.58 25.62 -18.45
C SER C 346 -42.97 24.28 -18.10
N PHE C 347 -41.64 24.18 -18.15
CA PHE C 347 -40.96 22.95 -17.75
C PHE C 347 -41.25 22.62 -16.29
N PHE C 348 -41.21 23.62 -15.42
CA PHE C 348 -41.52 23.39 -14.01
C PHE C 348 -42.97 22.96 -13.82
N ALA C 349 -43.90 23.58 -14.57
CA ALA C 349 -45.29 23.15 -14.48
C ALA C 349 -45.44 21.71 -14.92
N GLY C 350 -44.69 21.29 -15.95
CA GLY C 350 -44.73 19.91 -16.37
C GLY C 350 -44.18 18.94 -15.34
N ILE C 351 -43.06 19.30 -14.71
CA ILE C 351 -42.36 18.39 -13.80
C ILE C 351 -42.77 18.63 -12.35
N PHE C 352 -43.84 19.40 -12.14
CA PHE C 352 -44.36 19.62 -10.80
C PHE C 352 -44.74 18.32 -10.12
N GLN C 353 -45.39 17.41 -10.84
CA GLN C 353 -45.76 16.12 -10.27
C GLN C 353 -44.52 15.34 -9.84
N ALA C 354 -43.49 15.33 -10.69
CA ALA C 354 -42.24 14.65 -10.33
C ALA C 354 -41.59 15.29 -9.11
N TRP C 355 -41.63 16.62 -9.03
CA TRP C 355 -41.05 17.31 -7.88
C TRP C 355 -41.78 16.95 -6.59
N ILE C 356 -43.12 16.91 -6.64
CA ILE C 356 -43.89 16.55 -5.45
C ILE C 356 -43.61 15.11 -5.05
N THR C 357 -43.56 14.20 -6.03
CA THR C 357 -43.27 12.80 -5.71
C THR C 357 -41.85 12.63 -5.18
N ALA C 358 -40.91 13.46 -5.64
CA ALA C 358 -39.56 13.40 -5.09
C ALA C 358 -39.51 13.90 -3.66
N LEU C 359 -40.26 14.96 -3.37
CA LEU C 359 -40.37 15.43 -1.98
C LEU C 359 -40.98 14.36 -1.09
N GLY C 360 -42.02 13.68 -1.58
CA GLY C 360 -42.66 12.64 -0.77
C GLY C 360 -41.76 11.44 -0.56
N THR C 361 -41.17 10.92 -1.63
CA THR C 361 -40.39 9.69 -1.55
C THR C 361 -39.01 9.92 -0.93
N ALA C 362 -38.43 11.11 -1.13
CA ALA C 362 -37.08 11.41 -0.67
C ALA C 362 -36.07 10.43 -1.23
N SER C 363 -36.26 10.04 -2.49
CA SER C 363 -35.33 9.14 -3.16
C SER C 363 -35.49 9.31 -4.66
N SER C 364 -34.39 9.59 -5.35
CA SER C 364 -34.42 9.76 -6.80
C SER C 364 -34.78 8.46 -7.50
N ALA C 365 -34.25 7.34 -7.01
CA ALA C 365 -34.52 6.05 -7.64
C ALA C 365 -36.01 5.72 -7.59
N GLY C 366 -36.65 5.95 -6.45
CA GLY C 366 -38.08 5.69 -6.33
C GLY C 366 -38.94 6.66 -7.10
N THR C 367 -38.43 7.87 -7.35
CA THR C 367 -39.15 8.87 -8.14
C THR C 367 -38.90 8.72 -9.64
N LEU C 368 -37.93 7.88 -10.03
CA LEU C 368 -37.58 7.75 -11.43
C LEU C 368 -38.74 7.37 -12.34
N PRO C 369 -39.63 6.42 -12.00
CA PRO C 369 -40.80 6.19 -12.87
C PRO C 369 -41.68 7.41 -13.05
N VAL C 370 -41.87 8.18 -11.98
CA VAL C 370 -42.73 9.36 -12.06
C VAL C 370 -42.13 10.40 -12.99
N THR C 371 -40.80 10.62 -12.91
CA THR C 371 -40.17 11.58 -13.80
C THR C 371 -40.11 11.07 -15.23
N PHE C 372 -39.93 9.76 -15.43
CA PHE C 372 -40.15 9.16 -16.74
C PHE C 372 -41.49 9.58 -17.32
N ARG C 373 -42.57 9.27 -16.59
CA ARG C 373 -43.91 9.55 -17.10
C ARG C 373 -44.10 11.04 -17.35
N CYS C 374 -43.66 11.89 -16.42
CA CYS C 374 -43.86 13.32 -16.58
C CYS C 374 -43.13 13.85 -17.81
N LEU C 375 -41.83 13.56 -17.92
CA LEU C 375 -41.05 14.09 -19.03
C LEU C 375 -41.47 13.48 -20.36
N GLU C 376 -42.07 12.29 -20.36
CA GLU C 376 -42.44 11.66 -21.61
C GLU C 376 -43.80 12.13 -22.10
N GLU C 377 -44.82 12.04 -21.25
CA GLU C 377 -46.18 12.35 -21.68
C GLU C 377 -46.59 13.80 -21.42
N ASN C 378 -45.74 14.61 -20.78
CA ASN C 378 -46.03 16.02 -20.57
C ASN C 378 -45.18 16.93 -21.45
N LEU C 379 -43.87 16.79 -21.40
CA LEU C 379 -42.99 17.64 -22.21
C LEU C 379 -42.72 17.06 -23.58
N GLY C 380 -42.94 15.76 -23.77
CA GLY C 380 -42.83 15.16 -25.09
C GLY C 380 -41.41 15.07 -25.63
N ILE C 381 -40.41 15.07 -24.77
CA ILE C 381 -39.02 14.93 -25.22
C ILE C 381 -38.83 13.52 -25.76
N ASP C 382 -37.72 13.30 -26.47
CA ASP C 382 -37.49 12.01 -27.11
C ASP C 382 -37.37 10.90 -26.07
N LYS C 383 -37.78 9.70 -26.46
CA LYS C 383 -37.68 8.56 -25.55
C LYS C 383 -36.22 8.21 -25.25
N ARG C 384 -35.35 8.31 -26.24
CA ARG C 384 -33.96 7.91 -26.05
C ARG C 384 -33.23 8.83 -25.07
N VAL C 385 -33.42 10.13 -25.21
CA VAL C 385 -32.73 11.07 -24.34
C VAL C 385 -33.16 10.88 -22.90
N THR C 386 -34.45 10.67 -22.66
CA THR C 386 -34.92 10.38 -21.30
C THR C 386 -34.34 9.07 -20.80
N ARG C 387 -34.47 8.00 -21.60
CA ARG C 387 -34.05 6.68 -21.18
C ARG C 387 -32.56 6.62 -20.87
N PHE C 388 -31.78 7.50 -21.47
CA PHE C 388 -30.38 7.55 -21.06
C PHE C 388 -30.16 8.47 -19.87
N VAL C 389 -30.62 9.72 -19.96
CA VAL C 389 -30.23 10.74 -18.98
C VAL C 389 -30.79 10.40 -17.60
N LEU C 390 -32.09 10.10 -17.52
CA LEU C 390 -32.70 9.98 -16.18
C LEU C 390 -32.15 8.81 -15.39
N PRO C 391 -32.05 7.58 -15.92
CA PRO C 391 -31.51 6.49 -15.09
C PRO C 391 -30.09 6.72 -14.61
N VAL C 392 -29.27 7.44 -15.39
CA VAL C 392 -27.91 7.73 -14.93
C VAL C 392 -27.84 9.04 -14.14
N GLY C 393 -28.74 9.99 -14.44
CA GLY C 393 -28.78 11.21 -13.67
C GLY C 393 -29.31 11.04 -12.26
N ALA C 394 -30.14 10.01 -12.05
CA ALA C 394 -30.66 9.76 -10.72
C ALA C 394 -29.59 9.24 -9.78
N THR C 395 -28.47 8.76 -10.30
CA THR C 395 -27.38 8.23 -9.47
C THR C 395 -26.06 8.95 -9.65
N ILE C 396 -25.93 9.86 -10.62
CA ILE C 396 -24.67 10.54 -10.84
C ILE C 396 -24.85 12.05 -10.67
N ASN C 397 -26.03 12.54 -10.97
CA ASN C 397 -26.31 13.98 -10.93
C ASN C 397 -27.20 14.29 -9.74
N MET C 398 -26.57 14.57 -8.60
CA MET C 398 -27.24 15.13 -7.44
C MET C 398 -26.55 16.42 -7.06
N ASP C 399 -27.21 17.54 -7.35
CA ASP C 399 -26.65 18.87 -7.06
C ASP C 399 -26.97 19.33 -5.65
N GLY C 400 -28.21 19.07 -5.20
CA GLY C 400 -28.58 19.46 -3.85
C GLY C 400 -27.72 18.79 -2.80
N THR C 401 -27.35 17.53 -3.03
CA THR C 401 -26.47 16.84 -2.10
C THR C 401 -25.09 17.48 -2.06
N ALA C 402 -24.58 17.91 -3.23
CA ALA C 402 -23.29 18.58 -3.26
C ALA C 402 -23.34 19.90 -2.50
N LEU C 403 -24.39 20.70 -2.72
CA LEU C 403 -24.51 21.96 -2.01
C LEU C 403 -24.64 21.73 -0.51
N TYR C 404 -25.45 20.74 -0.11
CA TYR C 404 -25.60 20.38 1.29
C TYR C 404 -24.25 20.02 1.90
N GLU C 405 -23.48 19.18 1.21
CA GLU C 405 -22.23 18.70 1.78
C GLU C 405 -21.20 19.82 1.88
N ALA C 406 -21.13 20.69 0.88
CA ALA C 406 -20.21 21.83 0.96
C ALA C 406 -20.59 22.74 2.12
N VAL C 407 -21.88 23.08 2.23
CA VAL C 407 -22.33 23.96 3.29
C VAL C 407 -22.07 23.33 4.65
N ALA C 408 -22.29 22.02 4.77
CA ALA C 408 -22.12 21.36 6.06
C ALA C 408 -20.66 21.25 6.46
N ALA C 409 -19.77 20.95 5.51
CA ALA C 409 -18.35 20.92 5.84
C ALA C 409 -17.85 22.28 6.27
N ILE C 410 -18.23 23.34 5.54
CA ILE C 410 -17.80 24.67 5.96
C ILE C 410 -18.43 25.05 7.29
N PHE C 411 -19.67 24.62 7.54
CA PHE C 411 -20.32 24.94 8.81
C PHE C 411 -19.60 24.26 9.98
N ILE C 412 -19.18 23.01 9.80
CA ILE C 412 -18.40 22.35 10.84
C ILE C 412 -17.05 23.04 11.01
N ALA C 413 -16.47 23.53 9.91
CA ALA C 413 -15.22 24.28 10.02
C ALA C 413 -15.41 25.56 10.83
N GLN C 414 -16.54 26.24 10.62
CA GLN C 414 -16.79 27.51 11.29
C GLN C 414 -17.13 27.32 12.76
N MET C 415 -17.88 26.25 13.09
CA MET C 415 -18.23 25.99 14.48
C MET C 415 -16.99 25.73 15.32
N ASN C 416 -16.03 24.98 14.78
CA ASN C 416 -14.79 24.69 15.48
C ASN C 416 -13.84 25.88 15.53
N GLY C 417 -14.20 27.00 14.91
CA GLY C 417 -13.30 28.13 14.82
C GLY C 417 -12.19 27.99 13.82
N VAL C 418 -12.21 26.93 13.01
CA VAL C 418 -11.18 26.67 12.01
C VAL C 418 -11.51 27.51 10.78
N VAL C 419 -10.81 28.63 10.62
CA VAL C 419 -10.96 29.44 9.41
C VAL C 419 -10.22 28.76 8.27
N LEU C 420 -10.89 28.64 7.13
CA LEU C 420 -10.36 27.88 6.00
C LEU C 420 -9.75 28.84 4.98
N ASP C 421 -8.52 28.53 4.55
CA ASP C 421 -7.83 29.36 3.58
C ASP C 421 -8.31 29.05 2.17
N GLY C 422 -7.75 29.74 1.19
CA GLY C 422 -8.17 29.57 -0.19
C GLY C 422 -7.70 28.29 -0.84
N GLY C 423 -6.87 27.50 -0.15
CA GLY C 423 -6.43 26.23 -0.68
C GLY C 423 -7.26 25.07 -0.18
N GLN C 424 -7.99 25.31 0.91
CA GLN C 424 -8.90 24.31 1.45
C GLN C 424 -10.36 24.56 1.08
N ILE C 425 -10.71 25.81 0.77
CA ILE C 425 -12.04 26.09 0.24
C ILE C 425 -12.23 25.41 -1.11
N VAL C 426 -11.22 25.46 -1.97
CA VAL C 426 -11.31 24.74 -3.24
C VAL C 426 -11.30 23.23 -2.99
N THR C 427 -10.56 22.78 -1.98
CA THR C 427 -10.54 21.35 -1.66
C THR C 427 -11.92 20.85 -1.29
N VAL C 428 -12.61 21.58 -0.41
CA VAL C 428 -13.96 21.18 -0.03
C VAL C 428 -14.94 21.36 -1.19
N SER C 429 -14.77 22.39 -2.01
CA SER C 429 -15.67 22.60 -3.14
C SER C 429 -15.45 21.61 -4.27
N LEU C 430 -14.35 20.85 -4.25
CA LEU C 430 -14.14 19.75 -5.18
C LEU C 430 -14.54 18.41 -4.58
N THR C 431 -14.22 18.19 -3.31
CA THR C 431 -14.60 16.95 -2.66
C THR C 431 -16.11 16.85 -2.47
N ALA C 432 -16.80 17.99 -2.35
CA ALA C 432 -18.26 17.96 -2.32
C ALA C 432 -18.82 17.40 -3.61
N THR C 433 -18.26 17.81 -4.75
CA THR C 433 -18.68 17.25 -6.03
C THR C 433 -18.36 15.77 -6.12
N LEU C 434 -17.11 15.40 -5.82
CA LEU C 434 -16.71 14.01 -5.93
C LEU C 434 -17.37 13.10 -4.90
N ALA C 435 -18.01 13.66 -3.88
CA ALA C 435 -18.78 12.87 -2.93
C ALA C 435 -20.27 12.87 -3.24
N SER C 436 -20.80 13.92 -3.85
CA SER C 436 -22.17 13.87 -4.36
C SER C 436 -22.29 12.94 -5.55
N VAL C 437 -21.19 12.73 -6.28
CA VAL C 437 -21.22 11.71 -7.34
C VAL C 437 -21.42 10.33 -6.74
N GLY C 438 -20.73 10.03 -5.63
CA GLY C 438 -20.78 8.71 -5.04
C GLY C 438 -21.67 8.57 -3.82
N ALA C 439 -22.53 9.54 -3.56
CA ALA C 439 -23.41 9.48 -2.40
C ALA C 439 -24.65 8.64 -2.62
N ALA C 440 -24.94 8.24 -3.86
CA ALA C 440 -25.96 7.23 -4.13
C ALA C 440 -25.49 6.12 -5.06
N SER C 441 -24.36 6.27 -5.74
CA SER C 441 -23.74 5.14 -6.41
C SER C 441 -23.26 4.09 -5.42
N ILE C 442 -23.08 4.46 -4.16
CA ILE C 442 -22.70 3.55 -3.09
C ILE C 442 -23.77 3.62 -2.01
N PRO C 443 -24.59 2.58 -1.85
CA PRO C 443 -25.66 2.64 -0.84
C PRO C 443 -25.11 2.81 0.56
N SER C 444 -25.83 3.59 1.36
CA SER C 444 -25.50 3.81 2.78
C SER C 444 -24.10 4.38 2.95
N ALA C 445 -23.69 5.26 2.04
CA ALA C 445 -22.36 5.86 2.08
C ALA C 445 -22.40 7.37 2.25
N GLY C 446 -23.51 7.92 2.73
CA GLY C 446 -23.57 9.36 2.96
C GLY C 446 -22.65 9.80 4.09
N LEU C 447 -22.63 9.05 5.19
CA LEU C 447 -21.72 9.36 6.29
C LEU C 447 -20.27 9.25 5.85
N VAL C 448 -19.96 8.25 5.03
CA VAL C 448 -18.60 8.07 4.55
C VAL C 448 -18.19 9.24 3.66
N THR C 449 -19.11 9.74 2.83
CA THR C 449 -18.80 10.90 2.00
C THR C 449 -18.60 12.16 2.84
N MET C 450 -19.44 12.35 3.87
CA MET C 450 -19.26 13.49 4.75
C MET C 450 -17.91 13.44 5.45
N LEU C 451 -17.51 12.25 5.89
CA LEU C 451 -16.20 12.10 6.52
C LEU C 451 -15.07 12.28 5.52
N LEU C 452 -15.28 11.89 4.26
CA LEU C 452 -14.28 12.15 3.23
C LEU C 452 -14.06 13.64 3.06
N ILE C 453 -15.14 14.41 3.03
CA ILE C 453 -15.02 15.85 2.90
C ILE C 453 -14.38 16.46 4.15
N LEU C 454 -14.77 15.98 5.33
CA LEU C 454 -14.24 16.55 6.57
C LEU C 454 -12.77 16.17 6.81
N THR C 455 -12.29 15.10 6.18
CA THR C 455 -10.88 14.73 6.30
C THR C 455 -10.04 15.20 5.12
N ALA C 456 -10.67 15.63 4.02
CA ALA C 456 -9.90 16.24 2.95
C ALA C 456 -9.42 17.64 3.31
N VAL C 457 -10.06 18.29 4.28
CA VAL C 457 -9.69 19.63 4.70
C VAL C 457 -9.20 19.64 6.16
N GLY C 458 -8.86 18.48 6.71
CA GLY C 458 -8.26 18.39 8.02
C GLY C 458 -9.10 18.94 9.16
N LEU C 459 -10.35 18.54 9.23
CA LEU C 459 -11.26 19.02 10.26
C LEU C 459 -11.53 17.94 11.30
N PRO C 460 -11.90 18.33 12.53
CA PRO C 460 -12.25 17.34 13.56
C PRO C 460 -13.60 16.72 13.24
N THR C 461 -13.60 15.41 13.01
CA THR C 461 -14.78 14.70 12.55
C THR C 461 -15.63 14.18 13.71
N GLU C 462 -16.01 15.06 14.62
CA GLU C 462 -16.89 14.69 15.72
C GLU C 462 -18.19 15.49 15.76
N ASP C 463 -18.34 16.50 14.91
CA ASP C 463 -19.53 17.34 14.90
C ASP C 463 -20.60 16.83 13.93
N ILE C 464 -20.39 15.66 13.30
CA ILE C 464 -21.39 15.10 12.41
C ILE C 464 -22.70 14.83 13.15
N SER C 465 -22.62 14.61 14.47
CA SER C 465 -23.83 14.35 15.24
C SER C 465 -24.83 15.51 15.14
N LEU C 466 -24.33 16.75 15.17
CA LEU C 466 -25.21 17.90 15.03
C LEU C 466 -25.90 17.90 13.67
N LEU C 467 -25.17 17.53 12.62
CA LEU C 467 -25.77 17.41 11.30
C LEU C 467 -26.84 16.34 11.28
N VAL C 468 -26.57 15.16 11.84
CA VAL C 468 -27.53 14.07 11.81
C VAL C 468 -28.76 14.40 12.63
N ALA C 469 -28.60 15.25 13.66
CA ALA C 469 -29.76 15.64 14.46
C ALA C 469 -30.78 16.42 13.64
N VAL C 470 -30.34 17.12 12.60
CA VAL C 470 -31.24 17.91 11.76
C VAL C 470 -31.39 17.34 10.36
N ASP C 471 -30.59 16.34 9.99
CA ASP C 471 -30.62 15.79 8.63
C ASP C 471 -31.79 14.81 8.47
N TRP C 472 -32.99 15.33 8.71
CA TRP C 472 -34.22 14.60 8.42
C TRP C 472 -35.25 15.43 7.67
N LEU C 473 -35.13 16.75 7.68
CA LEU C 473 -36.00 17.61 6.88
C LEU C 473 -35.32 18.09 5.61
N LEU C 474 -34.00 18.23 5.62
CA LEU C 474 -33.27 18.66 4.44
C LEU C 474 -33.21 17.57 3.36
N ASP C 475 -33.39 16.31 3.74
CA ASP C 475 -33.26 15.21 2.79
C ASP C 475 -34.30 15.29 1.68
N ARG C 476 -35.56 15.56 2.06
CA ARG C 476 -36.62 15.64 1.06
C ARG C 476 -36.34 16.77 0.07
N MET C 477 -35.91 17.92 0.58
CA MET C 477 -35.71 19.08 -0.29
C MET C 477 -34.50 18.90 -1.20
N ARG C 478 -33.41 18.35 -0.68
CA ARG C 478 -32.25 18.12 -1.54
C ARG C 478 -32.54 17.02 -2.56
N THR C 479 -33.34 16.02 -2.21
CA THR C 479 -33.76 15.04 -3.20
C THR C 479 -34.60 15.68 -4.30
N SER C 480 -35.49 16.59 -3.91
CA SER C 480 -36.28 17.31 -4.90
C SER C 480 -35.40 18.13 -5.83
N VAL C 481 -34.37 18.76 -5.27
CA VAL C 481 -33.45 19.55 -6.10
C VAL C 481 -32.69 18.64 -7.06
N ASN C 482 -32.27 17.46 -6.59
CA ASN C 482 -31.60 16.50 -7.48
C ASN C 482 -32.51 16.08 -8.63
N VAL C 483 -33.77 15.79 -8.33
CA VAL C 483 -34.71 15.36 -9.35
C VAL C 483 -34.96 16.49 -10.35
N VAL C 484 -35.09 17.73 -9.88
CA VAL C 484 -35.25 18.87 -10.77
C VAL C 484 -34.03 19.04 -11.66
N GLY C 485 -32.84 18.84 -11.09
CA GLY C 485 -31.62 18.91 -11.89
C GLY C 485 -31.58 17.87 -12.98
N ASP C 486 -32.00 16.64 -12.67
CA ASP C 486 -32.05 15.60 -13.68
C ASP C 486 -33.05 15.93 -14.78
N SER C 487 -34.22 16.48 -14.40
CA SER C 487 -35.21 16.84 -15.40
C SER C 487 -34.68 17.92 -16.33
N PHE C 488 -34.06 18.96 -15.77
CA PHE C 488 -33.50 20.02 -16.61
C PHE C 488 -32.35 19.51 -17.45
N GLY C 489 -31.58 18.54 -16.94
CA GLY C 489 -30.56 17.92 -17.76
C GLY C 489 -31.14 17.18 -18.95
N ALA C 490 -32.24 16.48 -18.73
CA ALA C 490 -32.91 15.82 -19.85
C ALA C 490 -33.37 16.85 -20.88
N GLY C 491 -33.96 17.94 -20.42
CA GLY C 491 -34.37 18.99 -21.34
C GLY C 491 -33.22 19.54 -22.15
N ILE C 492 -32.11 19.86 -21.46
CA ILE C 492 -30.95 20.44 -22.12
C ILE C 492 -30.37 19.47 -23.15
N VAL C 493 -30.21 18.21 -22.76
CA VAL C 493 -29.61 17.22 -23.66
C VAL C 493 -30.51 17.00 -24.88
N TYR C 494 -31.82 16.92 -24.67
CA TYR C 494 -32.72 16.74 -25.80
C TYR C 494 -32.66 17.94 -26.75
N HIS C 495 -32.63 19.16 -26.20
CA HIS C 495 -32.60 20.33 -27.07
C HIS C 495 -31.27 20.50 -27.78
N LEU C 496 -30.20 19.87 -27.29
CA LEU C 496 -28.90 19.94 -27.92
C LEU C 496 -28.63 18.76 -28.86
N SER C 497 -29.59 17.85 -29.01
CA SER C 497 -29.40 16.70 -29.89
C SER C 497 -30.64 16.41 -30.72
N LYS C 498 -31.57 17.37 -30.83
CA LYS C 498 -32.80 17.12 -31.59
C LYS C 498 -32.50 16.87 -33.06
N SER C 499 -31.56 17.62 -33.63
CA SER C 499 -31.24 17.46 -35.04
C SER C 499 -30.66 16.07 -35.32
N GLU C 500 -29.74 15.61 -34.49
CA GLU C 500 -29.13 14.30 -34.69
C GLU C 500 -30.16 13.19 -34.54
N LEU C 501 -31.01 13.27 -33.52
CA LEU C 501 -32.04 12.26 -33.33
C LEU C 501 -33.03 12.25 -34.49
N ASP C 502 -33.41 13.43 -34.98
CA ASP C 502 -34.31 13.51 -36.13
C ASP C 502 -33.67 12.90 -37.37
N THR C 503 -32.39 13.18 -37.60
CA THR C 503 -31.71 12.62 -38.77
C THR C 503 -31.63 11.09 -38.67
N ILE C 504 -31.33 10.57 -37.47
CA ILE C 504 -31.27 9.12 -37.30
C ILE C 504 -32.65 8.49 -37.52
N ASP C 505 -33.70 9.12 -36.97
CA ASP C 505 -35.04 8.57 -37.11
C ASP C 505 -35.55 8.65 -38.55
N SER C 506 -35.08 9.64 -39.31
CA SER C 506 -35.54 9.79 -40.69
C SER C 506 -35.15 8.59 -41.54
N GLN C 507 -33.94 8.07 -41.34
CA GLN C 507 -33.47 6.91 -42.09
C GLN C 507 -34.14 5.63 -41.59
#